data_5F8C
#
_entry.id   5F8C
#
_cell.length_a   109.254
_cell.length_b   140.635
_cell.length_c   97.239
_cell.angle_alpha   90.00
_cell.angle_beta   98.56
_cell.angle_gamma   90.00
#
_symmetry.space_group_name_H-M   'C 1 2 1'
#
loop_
_entity.id
_entity.type
_entity.pdbx_description
1 polymer Methyltransferase
2 non-polymer GLYCEROL
3 water water
#
_entity_poly.entity_id   1
_entity_poly.type   'polypeptide(L)'
_entity_poly.pdbx_seq_one_letter_code
;MGSSHHHHHHSSGLVPRGSHMETTEEFGNRFVAAIDSAGLAILVSVGHQTGLLDTMAGLPPATSMEIAEAAGLEERYVRE
WLGGMTTGQIVEYDAGSSTYSLPAHRAGMLTRAAGPDNLAVIAQFVSLLGEVEQKVIRCFREGGGVPYSEYPRFHKLMAE
MSGMVFDAALIDVVLPLVDGLPDRLRSGADVADFGCGSGRAVKLMAQAFGASRFTGIDFSDEAVAAGTEEAARLGLANAT
FERHDLAELDKVGAYDVITVFDAIHDQAQPARVLQNIYRALRPGGVLLMVDIKASSQLEDNVGVPLSTYLYTTSLMH
(CSD)MTVSLALDGAGLGTVWGRQLATSMLADAGFTDVTVAEIESDVLNNYYIARKLEHHHHHH
;
_entity_poly.pdbx_strand_id   A,B,C
#
loop_
_chem_comp.id
_chem_comp.type
_chem_comp.name
_chem_comp.formula
GOL non-polymer GLYCEROL 'C3 H8 O3'
#
# COMPACT_ATOMS: atom_id res chain seq x y z
N MET A 21 12.83 6.10 -5.24
CA MET A 21 11.37 6.22 -5.50
C MET A 21 10.75 7.29 -4.60
N GLU A 22 10.07 8.25 -5.22
CA GLU A 22 9.41 9.33 -4.50
C GLU A 22 8.24 8.83 -3.66
N THR A 23 8.22 9.20 -2.38
CA THR A 23 7.13 8.85 -1.50
C THR A 23 5.99 9.86 -1.52
N THR A 24 4.86 9.43 -1.01
CA THR A 24 3.72 10.32 -0.79
C THR A 24 4.16 11.57 0.00
N GLU A 25 4.90 11.37 1.09
CA GLU A 25 5.41 12.50 1.90
C GLU A 25 6.31 13.44 1.12
N GLU A 26 7.24 12.86 0.36
CA GLU A 26 8.15 13.63 -0.46
C GLU A 26 7.40 14.38 -1.54
N PHE A 27 6.40 13.74 -2.16
CA PHE A 27 5.60 14.47 -3.16
C PHE A 27 4.81 15.63 -2.54
N GLY A 28 4.21 15.38 -1.39
CA GLY A 28 3.49 16.40 -0.62
C GLY A 28 4.38 17.60 -0.35
N ASN A 29 5.58 17.35 0.17
CA ASN A 29 6.55 18.42 0.40
C ASN A 29 6.95 19.18 -0.88
N ARG A 30 7.20 18.45 -1.97
CA ARG A 30 7.58 19.08 -3.23
C ARG A 30 6.46 19.97 -3.75
N PHE A 31 5.23 19.48 -3.70
CA PHE A 31 4.11 20.26 -4.20
C PHE A 31 3.77 21.49 -3.34
N VAL A 32 3.84 21.34 -2.03
CA VAL A 32 3.69 22.50 -1.15
C VAL A 32 4.77 23.54 -1.47
N ALA A 33 6.01 23.10 -1.68
CA ALA A 33 7.08 24.00 -2.13
C ALA A 33 6.77 24.66 -3.49
N ALA A 34 6.08 23.95 -4.38
CA ALA A 34 5.67 24.57 -5.67
C ALA A 34 4.67 25.70 -5.43
N ILE A 35 3.75 25.45 -4.49
CA ILE A 35 2.73 26.44 -4.11
C ILE A 35 3.41 27.71 -3.57
N ASP A 36 4.36 27.52 -2.67
CA ASP A 36 5.17 28.62 -2.16
C ASP A 36 5.92 29.36 -3.27
N SER A 37 6.49 28.60 -4.23
CA SER A 37 7.21 29.19 -5.36
C SER A 37 6.31 30.04 -6.26
N ALA A 38 5.10 29.54 -6.53
CA ALA A 38 4.07 30.27 -7.23
C ALA A 38 3.72 31.61 -6.56
N GLY A 39 3.51 31.58 -5.24
CA GLY A 39 3.29 32.81 -4.47
C GLY A 39 4.45 33.76 -4.63
N LEU A 40 5.67 33.22 -4.51
CA LEU A 40 6.89 34.01 -4.66
C LEU A 40 6.99 34.65 -6.05
N ALA A 41 6.63 33.90 -7.10
CA ALA A 41 6.62 34.48 -8.46
C ALA A 41 5.68 35.68 -8.57
N ILE A 42 4.49 35.57 -7.99
CA ILE A 42 3.55 36.68 -7.97
C ILE A 42 4.14 37.89 -7.21
N LEU A 43 4.71 37.63 -6.03
CA LEU A 43 5.38 38.71 -5.29
C LEU A 43 6.47 39.40 -6.09
N VAL A 44 7.31 38.64 -6.79
CA VAL A 44 8.34 39.20 -7.64
C VAL A 44 7.72 40.07 -8.75
N SER A 45 6.67 39.57 -9.39
CA SER A 45 5.92 40.36 -10.38
C SER A 45 5.44 41.72 -9.82
N VAL A 46 4.84 41.68 -8.64
CA VAL A 46 4.41 42.88 -7.92
C VAL A 46 5.62 43.79 -7.63
N GLY A 47 6.72 43.19 -7.21
CA GLY A 47 7.98 43.89 -6.96
C GLY A 47 8.53 44.63 -8.16
N HIS A 48 8.39 44.01 -9.32
CA HIS A 48 8.78 44.64 -10.58
C HIS A 48 7.88 45.82 -10.93
N GLN A 49 6.58 45.56 -10.96
CA GLN A 49 5.62 46.56 -11.44
C GLN A 49 5.52 47.78 -10.53
N THR A 50 5.73 47.60 -9.22
CA THR A 50 5.69 48.71 -8.26
C THR A 50 7.01 49.48 -8.15
N GLY A 51 8.09 48.98 -8.74
CA GLY A 51 9.43 49.55 -8.53
C GLY A 51 10.09 49.22 -7.20
N LEU A 52 9.49 48.31 -6.40
CA LEU A 52 10.08 47.93 -5.12
C LEU A 52 11.44 47.28 -5.24
N LEU A 53 11.62 46.39 -6.23
CA LEU A 53 12.87 45.71 -6.43
C LEU A 53 13.96 46.71 -6.83
N ASP A 54 13.64 47.59 -7.78
CA ASP A 54 14.55 48.67 -8.18
C ASP A 54 14.93 49.54 -6.97
N THR A 55 13.93 49.92 -6.17
CA THR A 55 14.16 50.73 -4.99
C THR A 55 15.14 50.08 -4.01
N MET A 56 14.93 48.80 -3.68
CA MET A 56 15.80 48.11 -2.74
C MET A 56 17.20 47.88 -3.27
N ALA A 57 17.35 47.73 -4.59
CA ALA A 57 18.67 47.62 -5.18
C ALA A 57 19.53 48.89 -4.96
N GLY A 58 18.89 50.04 -4.76
CA GLY A 58 19.60 51.30 -4.43
C GLY A 58 19.62 51.70 -2.96
N LEU A 59 19.28 50.78 -2.05
CA LEU A 59 19.24 51.07 -0.62
C LEU A 59 20.15 50.18 0.20
N PRO A 60 20.69 50.74 1.31
CA PRO A 60 21.29 49.91 2.33
C PRO A 60 20.17 49.16 3.09
N PRO A 61 20.54 48.26 4.02
CA PRO A 61 19.53 47.64 4.87
C PRO A 61 18.59 48.68 5.48
N ALA A 62 17.29 48.43 5.39
CA ALA A 62 16.29 49.46 5.70
C ALA A 62 15.01 48.88 6.28
N THR A 63 14.30 49.68 7.05
CA THR A 63 13.00 49.26 7.60
C THR A 63 11.92 49.25 6.52
N SER A 64 10.81 48.59 6.82
CA SER A 64 9.62 48.58 5.97
C SER A 64 9.19 50.02 5.66
N MET A 65 9.11 50.84 6.70
CA MET A 65 8.78 52.26 6.50
C MET A 65 9.78 52.99 5.62
N GLU A 66 11.08 52.75 5.81
CA GLU A 66 12.10 53.39 4.96
C GLU A 66 11.97 52.96 3.49
N ILE A 67 11.73 51.68 3.27
CA ILE A 67 11.59 51.17 1.91
C ILE A 67 10.36 51.77 1.23
N ALA A 68 9.24 51.81 1.96
CA ALA A 68 8.01 52.32 1.42
C ALA A 68 8.17 53.81 1.08
N GLU A 69 8.85 54.54 1.96
CA GLU A 69 9.11 55.98 1.73
C GLU A 69 9.94 56.20 0.48
N ALA A 70 11.02 55.42 0.36
CA ALA A 70 11.89 55.51 -0.82
C ALA A 70 11.17 55.13 -2.11
N ALA A 71 10.25 54.16 -2.03
CA ALA A 71 9.50 53.70 -3.20
C ALA A 71 8.30 54.58 -3.54
N GLY A 72 7.85 55.41 -2.60
CA GLY A 72 6.64 56.21 -2.77
C GLY A 72 5.37 55.38 -2.69
N LEU A 73 5.36 54.38 -1.81
CA LEU A 73 4.28 53.42 -1.72
C LEU A 73 3.75 53.27 -0.30
N GLU A 74 2.56 52.69 -0.20
CA GLU A 74 1.87 52.48 1.06
C GLU A 74 2.58 51.45 1.92
N GLU A 75 3.00 51.85 3.12
CA GLU A 75 3.85 50.98 3.94
C GLU A 75 3.16 49.66 4.29
N ARG A 76 1.88 49.67 4.56
CA ARG A 76 1.24 48.43 4.97
C ARG A 76 1.34 47.36 3.87
N TYR A 77 1.21 47.77 2.62
CA TYR A 77 1.39 46.86 1.47
C TYR A 77 2.83 46.36 1.30
N VAL A 78 3.77 47.30 1.34
CA VAL A 78 5.20 47.01 1.33
C VAL A 78 5.56 46.01 2.41
N ARG A 79 5.04 46.21 3.64
CA ARG A 79 5.35 45.34 4.75
C ARG A 79 4.94 43.90 4.47
N GLU A 80 3.72 43.69 3.97
CA GLU A 80 3.25 42.31 3.72
C GLU A 80 4.06 41.68 2.60
N TRP A 81 4.32 42.47 1.55
CA TRP A 81 5.17 42.06 0.43
C TRP A 81 6.57 41.63 0.91
N LEU A 82 7.18 42.44 1.76
CA LEU A 82 8.46 42.12 2.36
C LEU A 82 8.46 40.78 3.08
N GLY A 83 7.38 40.49 3.82
CA GLY A 83 7.25 39.24 4.58
C GLY A 83 7.37 38.03 3.66
N GLY A 84 6.60 38.02 2.58
CA GLY A 84 6.66 36.90 1.61
C GLY A 84 7.95 36.81 0.81
N MET A 85 8.52 37.96 0.47
CA MET A 85 9.81 38.01 -0.22
C MET A 85 10.95 37.46 0.67
N THR A 86 10.78 37.62 1.98
CA THR A 86 11.72 37.13 2.99
C THR A 86 11.56 35.62 3.21
N THR A 87 10.33 35.15 3.39
CA THR A 87 10.12 33.71 3.54
C THR A 87 10.47 32.95 2.24
N GLY A 88 10.36 33.61 1.10
CA GLY A 88 10.80 33.05 -0.18
C GLY A 88 12.30 33.11 -0.42
N GLN A 89 13.04 33.63 0.55
CA GLN A 89 14.51 33.69 0.51
C GLN A 89 15.03 34.50 -0.69
N ILE A 90 14.39 35.62 -0.96
CA ILE A 90 14.92 36.62 -1.88
C ILE A 90 15.38 37.83 -1.07
N VAL A 91 14.46 38.42 -0.32
CA VAL A 91 14.80 39.50 0.62
C VAL A 91 15.36 38.85 1.89
N GLU A 92 16.37 39.49 2.48
CA GLU A 92 16.96 39.06 3.75
C GLU A 92 16.52 40.01 4.85
N TYR A 93 16.11 39.45 5.99
CA TYR A 93 15.58 40.22 7.11
C TYR A 93 16.46 39.99 8.31
N ASP A 94 16.77 41.09 9.00
CA ASP A 94 17.56 41.03 10.22
C ASP A 94 16.67 41.42 11.38
N ALA A 95 16.31 40.44 12.21
CA ALA A 95 15.32 40.63 13.28
C ALA A 95 15.81 41.60 14.36
N GLY A 96 17.12 41.63 14.58
CA GLY A 96 17.71 42.51 15.61
C GLY A 96 17.46 43.98 15.35
N SER A 97 17.54 44.38 14.08
CA SER A 97 17.33 45.76 13.64
C SER A 97 16.02 46.00 12.84
N SER A 98 15.25 44.95 12.60
CA SER A 98 14.04 45.04 11.79
C SER A 98 14.31 45.65 10.41
N THR A 99 15.46 45.32 9.82
CA THR A 99 15.82 45.82 8.51
C THR A 99 15.78 44.71 7.47
N TYR A 100 15.54 45.12 6.23
CA TYR A 100 15.49 44.25 5.09
C TYR A 100 16.50 44.67 4.05
N SER A 101 17.03 43.71 3.31
CA SER A 101 17.95 43.99 2.22
C SER A 101 17.79 42.97 1.10
N LEU A 102 18.08 43.43 -0.11
CA LEU A 102 18.05 42.61 -1.31
C LEU A 102 19.51 42.38 -1.69
N PRO A 103 20.02 41.15 -1.51
CA PRO A 103 21.43 40.89 -1.87
C PRO A 103 21.72 41.26 -3.33
N ALA A 104 22.92 41.80 -3.56
CA ALA A 104 23.31 42.29 -4.89
C ALA A 104 23.23 41.20 -5.97
N HIS A 105 23.62 39.99 -5.63
CA HIS A 105 23.59 38.88 -6.59
C HIS A 105 22.16 38.54 -7.05
N ARG A 106 21.18 38.80 -6.18
CA ARG A 106 19.78 38.63 -6.55
C ARG A 106 19.21 39.85 -7.27
N ALA A 107 19.53 41.04 -6.75
CA ALA A 107 19.13 42.32 -7.36
C ALA A 107 19.52 42.41 -8.82
N GLY A 108 20.74 41.97 -9.11
CA GLY A 108 21.29 41.93 -10.46
C GLY A 108 20.43 41.27 -11.53
N MET A 109 19.54 40.35 -11.14
CA MET A 109 18.62 39.73 -12.12
C MET A 109 17.14 39.90 -11.86
N LEU A 110 16.78 40.90 -11.04
CA LEU A 110 15.39 41.19 -10.68
C LEU A 110 15.02 42.66 -10.85
N THR A 111 15.92 43.45 -11.48
CA THR A 111 15.79 44.87 -11.60
C THR A 111 15.93 45.33 -13.06
N ARG A 112 15.35 46.50 -13.32
CA ARG A 112 15.36 47.12 -14.66
C ARG A 112 16.76 47.41 -15.18
N ALA A 113 17.72 47.62 -14.29
CA ALA A 113 19.13 47.71 -14.65
C ALA A 113 19.68 46.49 -15.44
N ALA A 114 19.04 45.32 -15.34
CA ALA A 114 19.39 44.15 -16.15
C ALA A 114 18.70 44.08 -17.53
N GLY A 115 17.85 45.06 -17.85
CA GLY A 115 17.12 45.10 -19.11
C GLY A 115 16.45 43.78 -19.52
N PRO A 116 16.87 43.19 -20.66
CA PRO A 116 16.26 41.93 -21.11
C PRO A 116 16.58 40.70 -20.21
N ASP A 117 17.64 40.79 -19.37
CA ASP A 117 17.96 39.74 -18.38
C ASP A 117 17.30 39.92 -16.99
N ASN A 118 16.38 40.85 -16.89
CA ASN A 118 15.55 40.98 -15.69
C ASN A 118 14.52 39.85 -15.61
N LEU A 119 14.80 38.82 -14.79
CA LEU A 119 13.88 37.69 -14.61
C LEU A 119 12.55 38.05 -13.92
N ALA A 120 12.48 39.19 -13.22
CA ALA A 120 11.20 39.64 -12.65
C ALA A 120 10.12 39.85 -13.71
N VAL A 121 10.54 40.18 -14.93
CA VAL A 121 9.61 40.38 -16.03
C VAL A 121 8.85 39.09 -16.36
N ILE A 122 9.58 37.97 -16.44
CA ILE A 122 8.95 36.67 -16.69
C ILE A 122 7.96 36.26 -15.59
N ALA A 123 8.24 36.67 -14.34
CA ALA A 123 7.31 36.43 -13.25
C ALA A 123 5.91 37.03 -13.51
N GLN A 124 5.84 38.16 -14.21
CA GLN A 124 4.52 38.77 -14.57
C GLN A 124 3.59 37.82 -15.31
N PHE A 125 4.14 36.88 -16.05
CA PHE A 125 3.30 35.93 -16.79
C PHE A 125 2.44 35.00 -15.90
N VAL A 126 2.77 34.84 -14.61
CA VAL A 126 1.93 34.07 -13.70
C VAL A 126 0.54 34.67 -13.44
N SER A 127 0.49 35.97 -13.14
CA SER A 127 -0.79 36.69 -13.06
C SER A 127 -1.48 36.74 -14.41
N LEU A 128 -0.70 36.93 -15.47
CA LEU A 128 -1.30 37.08 -16.80
C LEU A 128 -2.00 35.80 -17.25
N LEU A 129 -1.40 34.65 -16.98
CA LEU A 129 -2.07 33.36 -17.28
C LEU A 129 -3.22 33.09 -16.33
N GLY A 130 -3.03 33.42 -15.04
CA GLY A 130 -4.11 33.35 -14.08
C GLY A 130 -5.35 34.13 -14.43
N GLU A 131 -5.19 35.34 -15.00
CA GLU A 131 -6.34 36.14 -15.42
C GLU A 131 -7.22 35.43 -16.46
N VAL A 132 -6.63 34.52 -17.26
CA VAL A 132 -7.38 33.80 -18.30
C VAL A 132 -7.71 32.34 -17.98
N GLU A 133 -7.42 31.90 -16.76
CA GLU A 133 -7.57 30.50 -16.41
C GLU A 133 -8.99 29.99 -16.64
N GLN A 134 -9.99 30.73 -16.17
CA GLN A 134 -11.38 30.29 -16.34
C GLN A 134 -11.79 30.26 -17.81
N LYS A 135 -11.35 31.24 -18.59
CA LYS A 135 -11.60 31.24 -20.05
C LYS A 135 -10.97 30.05 -20.76
N VAL A 136 -9.74 29.70 -20.39
CA VAL A 136 -9.07 28.54 -20.99
C VAL A 136 -9.76 27.23 -20.60
N ILE A 137 -10.09 27.09 -19.32
CA ILE A 137 -10.83 25.93 -18.82
C ILE A 137 -12.12 25.68 -19.63
N ARG A 138 -12.85 26.75 -19.96
CA ARG A 138 -14.05 26.60 -20.77
C ARG A 138 -13.72 25.96 -22.12
N CYS A 139 -12.57 26.30 -22.69
CA CYS A 139 -12.17 25.71 -23.95
C CYS A 139 -11.87 24.23 -23.89
N PHE A 140 -11.44 23.70 -22.73
CA PHE A 140 -11.27 22.24 -22.58
C PHE A 140 -12.59 21.51 -22.84
N ARG A 141 -13.71 22.14 -22.47
CA ARG A 141 -15.04 21.55 -22.57
C ARG A 141 -15.67 21.87 -23.91
N GLU A 142 -15.58 23.13 -24.34
CA GLU A 142 -16.31 23.62 -25.51
C GLU A 142 -15.50 23.80 -26.80
N GLY A 143 -14.19 23.61 -26.75
CA GLY A 143 -13.34 23.81 -27.92
C GLY A 143 -13.16 25.27 -28.23
N GLY A 144 -12.69 25.55 -29.43
CA GLY A 144 -12.32 26.89 -29.82
C GLY A 144 -11.10 27.36 -29.02
N GLY A 145 -11.07 28.64 -28.71
CA GLY A 145 -9.92 29.23 -28.03
C GLY A 145 -10.22 30.60 -27.49
N VAL A 146 -9.28 31.13 -26.73
CA VAL A 146 -9.39 32.51 -26.21
C VAL A 146 -8.75 33.46 -27.21
N PRO A 147 -9.53 34.45 -27.71
CA PRO A 147 -9.00 35.33 -28.76
C PRO A 147 -7.83 36.22 -28.34
N TYR A 148 -7.00 36.53 -29.33
CA TYR A 148 -5.84 37.41 -29.18
C TYR A 148 -6.20 38.72 -28.44
N SER A 149 -7.36 39.28 -28.77
CA SER A 149 -7.85 40.51 -28.15
C SER A 149 -8.04 40.44 -26.63
N GLU A 150 -8.09 39.26 -26.04
CA GLU A 150 -8.22 39.14 -24.58
C GLU A 150 -6.90 39.39 -23.82
N TYR A 151 -5.77 39.54 -24.51
CA TYR A 151 -4.45 39.57 -23.86
C TYR A 151 -3.66 40.87 -24.12
N PRO A 152 -4.30 42.04 -23.97
CA PRO A 152 -3.53 43.26 -24.30
C PRO A 152 -2.30 43.48 -23.42
N ARG A 153 -2.40 43.23 -22.12
CA ARG A 153 -1.27 43.45 -21.24
C ARG A 153 -0.10 42.51 -21.55
N PHE A 154 -0.43 41.23 -21.69
CA PHE A 154 0.50 40.19 -22.14
C PHE A 154 1.28 40.64 -23.39
N HIS A 155 0.55 41.10 -24.41
CA HIS A 155 1.19 41.52 -25.68
C HIS A 155 2.06 42.77 -25.56
N LYS A 156 1.59 43.72 -24.74
CA LYS A 156 2.34 44.95 -24.45
C LYS A 156 3.68 44.60 -23.82
N LEU A 157 3.68 43.62 -22.90
CA LEU A 157 4.89 43.21 -22.23
C LEU A 157 5.87 42.52 -23.17
N MET A 158 5.36 41.57 -23.95
CA MET A 158 6.18 40.92 -24.98
C MET A 158 6.82 41.94 -25.94
N ALA A 159 6.09 42.99 -26.32
CA ALA A 159 6.62 44.01 -27.21
C ALA A 159 7.75 44.81 -26.56
N GLU A 160 7.57 45.17 -25.29
CA GLU A 160 8.63 45.85 -24.52
C GLU A 160 9.89 44.99 -24.40
N MET A 161 9.69 43.71 -24.07
CA MET A 161 10.79 42.76 -23.87
C MET A 161 11.57 42.59 -25.19
N SER A 162 10.85 42.36 -26.28
CA SER A 162 11.46 42.23 -27.62
C SER A 162 12.22 43.50 -28.05
N GLY A 163 11.62 44.67 -27.80
CA GLY A 163 12.29 45.96 -28.03
C GLY A 163 13.69 46.06 -27.41
N MET A 164 13.79 45.65 -26.15
CA MET A 164 15.08 45.61 -25.43
C MET A 164 16.08 44.61 -26.02
N VAL A 165 15.60 43.42 -26.37
CA VAL A 165 16.44 42.40 -27.03
C VAL A 165 16.93 42.90 -28.40
N PHE A 166 16.04 43.46 -29.23
CA PHE A 166 16.46 44.05 -30.50
C PHE A 166 17.54 45.13 -30.31
N ASP A 167 17.30 46.08 -29.39
CA ASP A 167 18.30 47.11 -29.04
C ASP A 167 19.65 46.51 -28.65
N ALA A 168 19.64 45.46 -27.83
CA ALA A 168 20.84 44.85 -27.29
C ALA A 168 21.62 43.97 -28.28
N ALA A 169 20.91 43.23 -29.13
CA ALA A 169 21.55 42.13 -29.88
C ALA A 169 21.28 41.97 -31.38
N LEU A 170 20.28 42.66 -31.93
CA LEU A 170 19.86 42.39 -33.31
C LEU A 170 21.01 42.63 -34.30
N ILE A 171 21.59 43.83 -34.23
CA ILE A 171 22.59 44.24 -35.20
C ILE A 171 23.90 43.48 -34.99
N ASP A 172 24.36 43.35 -33.77
CA ASP A 172 25.71 42.86 -33.50
C ASP A 172 25.84 41.36 -33.22
N VAL A 173 24.74 40.69 -32.90
CA VAL A 173 24.79 39.26 -32.51
C VAL A 173 23.91 38.40 -33.43
N VAL A 174 22.64 38.80 -33.59
CA VAL A 174 21.66 37.98 -34.35
C VAL A 174 21.92 37.98 -35.86
N LEU A 175 21.92 39.13 -36.51
CA LEU A 175 22.10 39.19 -37.97
C LEU A 175 23.43 38.56 -38.46
N PRO A 176 24.54 38.73 -37.71
CA PRO A 176 25.81 38.02 -38.04
C PRO A 176 25.78 36.48 -37.97
N LEU A 177 24.76 35.87 -37.35
CA LEU A 177 24.59 34.42 -37.47
C LEU A 177 24.41 33.95 -38.91
N VAL A 178 23.84 34.80 -39.77
CA VAL A 178 23.62 34.47 -41.17
C VAL A 178 24.88 34.88 -41.93
N ASP A 179 25.65 33.89 -42.38
CA ASP A 179 26.92 34.15 -43.08
C ASP A 179 26.65 35.08 -44.25
N GLY A 180 27.37 36.20 -44.27
CA GLY A 180 27.27 37.16 -45.36
C GLY A 180 26.14 38.16 -45.29
N LEU A 181 25.26 38.03 -44.30
CA LEU A 181 24.11 38.89 -44.22
C LEU A 181 24.45 40.35 -43.87
N PRO A 182 25.28 40.60 -42.85
CA PRO A 182 25.60 42.01 -42.62
C PRO A 182 26.20 42.73 -43.86
N ASP A 183 27.09 42.08 -44.59
CA ASP A 183 27.67 42.68 -45.82
C ASP A 183 26.65 42.88 -46.95
N ARG A 184 25.73 41.93 -47.08
CA ARG A 184 24.65 42.03 -48.04
C ARG A 184 23.71 43.20 -47.75
N LEU A 185 23.42 43.39 -46.46
CA LEU A 185 22.60 44.51 -46.02
C LEU A 185 23.33 45.87 -46.21
N ARG A 186 24.62 45.89 -45.88
CA ARG A 186 25.46 47.10 -46.08
C ARG A 186 25.55 47.45 -47.56
N SER A 187 25.79 46.45 -48.39
CA SER A 187 25.84 46.61 -49.84
C SER A 187 24.50 47.04 -50.45
N GLY A 188 23.39 46.45 -49.99
CA GLY A 188 22.06 46.88 -50.40
C GLY A 188 21.15 45.72 -50.76
N ALA A 189 20.06 45.61 -50.02
CA ALA A 189 19.09 44.53 -50.19
C ALA A 189 17.67 45.03 -49.95
N ASP A 190 16.69 44.35 -50.54
CA ASP A 190 15.28 44.54 -50.19
C ASP A 190 14.91 43.56 -49.08
N VAL A 191 14.43 44.11 -47.98
CA VAL A 191 14.26 43.37 -46.74
C VAL A 191 12.84 43.56 -46.22
N ALA A 192 12.23 42.50 -45.70
CA ALA A 192 10.97 42.64 -44.98
C ALA A 192 11.01 41.96 -43.63
N ASP A 193 10.35 42.59 -42.66
CA ASP A 193 10.15 42.00 -41.37
C ASP A 193 8.67 41.64 -41.19
N PHE A 194 8.38 40.34 -41.14
CA PHE A 194 7.00 39.85 -41.10
C PHE A 194 6.59 39.74 -39.64
N GLY A 195 5.56 40.49 -39.25
CA GLY A 195 5.11 40.52 -37.87
C GLY A 195 5.91 41.55 -37.09
N CYS A 196 6.01 42.74 -37.66
CA CYS A 196 6.96 43.76 -37.18
C CYS A 196 6.51 44.51 -35.92
N GLY A 197 5.25 44.34 -35.50
CA GLY A 197 4.71 45.13 -34.39
C GLY A 197 4.89 46.61 -34.66
N SER A 198 5.37 47.36 -33.66
CA SER A 198 5.66 48.80 -33.78
C SER A 198 6.85 49.14 -34.69
N GLY A 199 7.62 48.15 -35.13
CA GLY A 199 8.65 48.37 -36.14
C GLY A 199 10.04 48.60 -35.59
N ARG A 200 10.28 48.18 -34.35
CA ARG A 200 11.59 48.36 -33.72
C ARG A 200 12.71 47.74 -34.56
N ALA A 201 12.50 46.50 -35.02
CA ALA A 201 13.55 45.80 -35.72
C ALA A 201 13.86 46.51 -37.04
N VAL A 202 12.80 46.87 -37.78
CA VAL A 202 12.93 47.61 -39.03
C VAL A 202 13.67 48.94 -38.79
N LYS A 203 13.38 49.62 -37.69
CA LYS A 203 13.97 50.93 -37.39
C LYS A 203 15.47 50.78 -37.21
N LEU A 204 15.86 49.84 -36.37
CA LEU A 204 17.27 49.54 -36.13
C LEU A 204 18.03 49.13 -37.39
N MET A 205 17.45 48.24 -38.18
CA MET A 205 18.09 47.78 -39.40
C MET A 205 18.20 48.89 -40.45
N ALA A 206 17.14 49.67 -40.59
CA ALA A 206 17.12 50.79 -41.53
C ALA A 206 18.18 51.85 -41.18
N GLN A 207 18.48 52.00 -39.88
CA GLN A 207 19.53 52.90 -39.39
C GLN A 207 20.92 52.36 -39.66
N ALA A 208 21.12 51.08 -39.36
CA ALA A 208 22.40 50.42 -39.56
C ALA A 208 22.75 50.28 -41.04
N PHE A 209 21.72 50.16 -41.91
CA PHE A 209 21.95 49.77 -43.31
C PHE A 209 21.22 50.70 -44.30
N GLY A 210 21.79 51.89 -44.49
CA GLY A 210 21.23 52.86 -45.39
C GLY A 210 21.09 52.42 -46.84
N ALA A 211 21.89 51.45 -47.30
CA ALA A 211 21.78 50.98 -48.69
C ALA A 211 20.54 50.09 -48.91
N SER A 212 20.06 49.49 -47.84
CA SER A 212 18.94 48.54 -47.93
C SER A 212 17.57 49.21 -47.74
N ARG A 213 16.53 48.60 -48.34
CA ARG A 213 15.15 49.06 -48.20
C ARG A 213 14.43 48.05 -47.29
N PHE A 214 13.74 48.55 -46.27
CA PHE A 214 13.04 47.72 -45.28
C PHE A 214 11.53 47.96 -45.28
N THR A 215 10.75 46.88 -45.32
CA THR A 215 9.28 46.93 -45.14
C THR A 215 8.92 46.12 -43.90
N GLY A 216 8.32 46.76 -42.91
CA GLY A 216 7.70 46.05 -41.77
C GLY A 216 6.25 45.74 -42.10
N ILE A 217 5.83 44.48 -41.91
CA ILE A 217 4.45 44.05 -42.16
C ILE A 217 3.85 43.62 -40.83
N ASP A 218 2.67 44.15 -40.48
CA ASP A 218 1.99 43.73 -39.26
C ASP A 218 0.48 43.76 -39.45
N PHE A 219 -0.24 42.94 -38.69
CA PHE A 219 -1.70 42.87 -38.80
C PHE A 219 -2.41 44.12 -38.23
N SER A 220 -1.74 44.89 -37.37
CA SER A 220 -2.37 45.99 -36.63
C SER A 220 -2.21 47.34 -37.32
N ASP A 221 -3.33 47.96 -37.67
CA ASP A 221 -3.36 49.33 -38.25
C ASP A 221 -2.64 50.33 -37.37
N GLU A 222 -2.78 50.18 -36.05
CA GLU A 222 -2.16 51.08 -35.08
C GLU A 222 -0.64 50.94 -35.07
N ALA A 223 -0.17 49.70 -35.00
CA ALA A 223 1.27 49.40 -35.01
C ALA A 223 1.94 49.94 -36.26
N VAL A 224 1.30 49.73 -37.41
CA VAL A 224 1.78 50.20 -38.70
C VAL A 224 1.88 51.74 -38.70
N ALA A 225 0.80 52.42 -38.30
CA ALA A 225 0.82 53.88 -38.22
C ALA A 225 1.94 54.39 -37.30
N ALA A 226 2.11 53.75 -36.13
CA ALA A 226 3.19 54.10 -35.21
C ALA A 226 4.59 53.91 -35.82
N GLY A 227 4.74 52.86 -36.62
CA GLY A 227 6.00 52.62 -37.35
C GLY A 227 6.30 53.73 -38.34
N THR A 228 5.28 54.10 -39.12
CA THR A 228 5.40 55.12 -40.15
C THR A 228 5.77 56.50 -39.54
N GLU A 229 5.07 56.84 -38.46
CA GLU A 229 5.31 58.10 -37.72
C GLU A 229 6.76 58.18 -37.26
N GLU A 230 7.23 57.08 -36.65
CA GLU A 230 8.58 57.02 -36.11
C GLU A 230 9.67 57.10 -37.19
N ALA A 231 9.43 56.44 -38.32
CA ALA A 231 10.32 56.53 -39.49
C ALA A 231 10.39 57.97 -40.03
N ALA A 232 9.25 58.66 -40.03
CA ALA A 232 9.20 60.08 -40.41
C ALA A 232 9.99 60.93 -39.41
N ARG A 233 9.74 60.74 -38.11
CA ARG A 233 10.52 61.39 -37.04
C ARG A 233 12.03 61.36 -37.27
N LEU A 234 12.56 60.17 -37.58
CA LEU A 234 14.00 59.94 -37.69
C LEU A 234 14.59 60.09 -39.11
N GLY A 235 13.78 60.53 -40.07
CA GLY A 235 14.23 60.68 -41.46
C GLY A 235 14.66 59.37 -42.12
N LEU A 236 13.98 58.28 -41.79
CA LEU A 236 14.30 56.97 -42.35
C LEU A 236 13.48 56.72 -43.61
N ALA A 237 13.90 57.34 -44.71
CA ALA A 237 13.22 57.14 -46.02
C ALA A 237 13.24 55.69 -46.50
N ASN A 238 14.24 54.91 -46.08
CA ASN A 238 14.38 53.50 -46.45
C ASN A 238 13.61 52.48 -45.56
N ALA A 239 12.66 52.97 -44.73
CA ALA A 239 11.79 52.13 -43.91
C ALA A 239 10.34 52.47 -44.20
N THR A 240 9.55 51.49 -44.64
CA THR A 240 8.09 51.65 -44.77
C THR A 240 7.38 50.54 -44.01
N PHE A 241 6.09 50.77 -43.74
CA PHE A 241 5.27 49.84 -42.98
C PHE A 241 3.94 49.62 -43.68
N GLU A 242 3.43 48.39 -43.59
CA GLU A 242 2.24 48.02 -44.32
C GLU A 242 1.39 47.09 -43.45
N ARG A 243 0.08 47.32 -43.43
CA ARG A 243 -0.83 46.46 -42.66
C ARG A 243 -1.26 45.32 -43.55
N HIS A 244 -0.92 44.10 -43.14
CA HIS A 244 -1.41 42.91 -43.79
C HIS A 244 -1.49 41.79 -42.75
N ASP A 245 -2.41 40.86 -42.96
CA ASP A 245 -2.41 39.58 -42.23
C ASP A 245 -1.38 38.69 -42.91
N LEU A 246 -0.49 38.07 -42.14
CA LEU A 246 0.60 37.31 -42.75
C LEU A 246 0.14 36.10 -43.59
N ALA A 247 -1.08 35.59 -43.33
CA ALA A 247 -1.61 34.45 -44.09
C ALA A 247 -2.14 34.83 -45.48
N GLU A 248 -2.31 36.11 -45.77
CA GLU A 248 -2.82 36.56 -47.06
C GLU A 248 -1.98 37.72 -47.61
N LEU A 249 -0.98 37.37 -48.43
CA LEU A 249 -0.02 38.35 -48.96
C LEU A 249 0.08 38.23 -50.45
N ASP A 250 0.42 39.34 -51.10
CA ASP A 250 0.62 39.35 -52.54
C ASP A 250 2.08 39.58 -52.95
N LYS A 251 3.01 39.45 -51.99
CA LYS A 251 4.43 39.70 -52.23
C LYS A 251 5.02 38.53 -52.99
N VAL A 252 5.60 38.80 -54.16
CA VAL A 252 6.20 37.76 -55.00
C VAL A 252 7.57 38.21 -55.51
N GLY A 253 8.61 37.47 -55.14
CA GLY A 253 9.99 37.85 -55.50
C GLY A 253 10.28 39.30 -55.15
N ALA A 254 9.86 39.70 -53.96
CA ALA A 254 9.95 41.09 -53.53
C ALA A 254 11.16 41.37 -52.66
N TYR A 255 11.62 40.38 -51.91
CA TYR A 255 12.62 40.61 -50.87
C TYR A 255 13.81 39.64 -51.02
N ASP A 256 15.00 40.16 -50.74
CA ASP A 256 16.23 39.35 -50.65
C ASP A 256 16.36 38.75 -49.27
N VAL A 257 15.83 39.44 -48.27
CA VAL A 257 15.95 39.02 -46.88
C VAL A 257 14.58 39.15 -46.20
N ILE A 258 14.15 38.14 -45.45
CA ILE A 258 12.94 38.23 -44.64
C ILE A 258 13.27 37.76 -43.24
N THR A 259 12.85 38.55 -42.25
CA THR A 259 12.98 38.19 -40.86
C THR A 259 11.61 37.92 -40.27
N VAL A 260 11.56 36.96 -39.36
CA VAL A 260 10.33 36.65 -38.64
C VAL A 260 10.73 36.33 -37.20
N PHE A 261 10.48 37.28 -36.31
CA PHE A 261 10.84 37.15 -34.90
C PHE A 261 9.65 36.71 -34.03
N ASP A 262 9.66 35.43 -33.64
CA ASP A 262 8.69 34.82 -32.71
C ASP A 262 7.24 34.70 -33.18
N ALA A 263 6.96 35.06 -34.43
CA ALA A 263 5.58 35.20 -34.90
C ALA A 263 4.91 33.89 -35.43
N ILE A 264 5.68 32.91 -35.89
CA ILE A 264 5.08 31.81 -36.68
C ILE A 264 4.20 30.88 -35.86
N HIS A 265 4.65 30.49 -34.67
CA HIS A 265 3.95 29.41 -33.96
C HIS A 265 2.57 29.84 -33.44
N ASP A 266 2.35 31.14 -33.27
CA ASP A 266 1.04 31.74 -32.92
C ASP A 266 -0.01 31.79 -34.05
N GLN A 267 0.43 31.61 -35.28
CA GLN A 267 -0.45 31.88 -36.42
C GLN A 267 -1.62 30.90 -36.47
N ALA A 268 -2.72 31.35 -37.05
CA ALA A 268 -3.81 30.45 -37.41
C ALA A 268 -3.40 29.49 -38.52
N GLN A 269 -2.63 29.99 -39.48
CA GLN A 269 -2.26 29.21 -40.66
C GLN A 269 -0.76 29.31 -40.87
N PRO A 270 0.02 28.65 -39.96
CA PRO A 270 1.50 28.77 -40.07
C PRO A 270 2.09 28.25 -41.38
N ALA A 271 1.54 27.17 -41.93
CA ALA A 271 2.05 26.62 -43.17
C ALA A 271 1.83 27.60 -44.33
N ARG A 272 0.68 28.28 -44.33
CA ARG A 272 0.41 29.24 -45.38
C ARG A 272 1.33 30.46 -45.23
N VAL A 273 1.55 30.89 -43.98
CA VAL A 273 2.51 31.99 -43.73
C VAL A 273 3.91 31.64 -44.25
N LEU A 274 4.39 30.43 -43.97
CA LEU A 274 5.70 30.01 -44.46
C LEU A 274 5.74 29.90 -45.98
N GLN A 275 4.64 29.46 -46.58
CA GLN A 275 4.53 29.43 -48.05
C GLN A 275 4.61 30.85 -48.66
N ASN A 276 3.91 31.77 -48.01
CA ASN A 276 3.94 33.19 -48.40
C ASN A 276 5.35 33.78 -48.29
N ILE A 277 6.07 33.39 -47.23
CA ILE A 277 7.47 33.83 -47.06
C ILE A 277 8.33 33.32 -48.23
N TYR A 278 8.22 32.03 -48.54
CA TYR A 278 8.97 31.46 -49.65
C TYR A 278 8.66 32.16 -50.98
N ARG A 279 7.39 32.44 -51.24
CA ARG A 279 6.97 33.12 -52.47
C ARG A 279 7.51 34.54 -52.55
N ALA A 280 7.51 35.22 -51.40
CA ALA A 280 7.96 36.61 -51.28
C ALA A 280 9.46 36.81 -51.47
N LEU A 281 10.23 35.77 -51.17
CA LEU A 281 11.68 35.79 -51.37
C LEU A 281 12.03 35.70 -52.83
N ARG A 282 13.03 36.44 -53.22
CA ARG A 282 13.64 36.27 -54.53
C ARG A 282 14.56 35.07 -54.54
N PRO A 283 14.86 34.53 -55.73
CA PRO A 283 15.89 33.50 -55.80
C PRO A 283 17.21 33.99 -55.15
N GLY A 284 17.87 33.11 -54.40
CA GLY A 284 19.07 33.49 -53.65
C GLY A 284 18.79 34.17 -52.32
N GLY A 285 17.51 34.29 -51.98
CA GLY A 285 17.08 34.99 -50.79
C GLY A 285 17.27 34.18 -49.53
N VAL A 286 17.10 34.82 -48.40
CA VAL A 286 17.22 34.13 -47.12
C VAL A 286 16.16 34.58 -46.12
N LEU A 287 15.60 33.60 -45.43
CA LEU A 287 14.70 33.80 -44.31
C LEU A 287 15.46 33.55 -43.01
N LEU A 288 15.37 34.49 -42.09
CA LEU A 288 15.82 34.30 -40.73
C LEU A 288 14.56 34.21 -39.86
N MET A 289 14.27 33.00 -39.37
CA MET A 289 13.10 32.79 -38.52
C MET A 289 13.62 32.48 -37.13
N VAL A 290 13.20 33.29 -36.16
CA VAL A 290 13.59 33.10 -34.77
C VAL A 290 12.36 32.56 -34.04
N ASP A 291 12.49 31.40 -33.40
CA ASP A 291 11.37 30.82 -32.69
C ASP A 291 11.88 29.95 -31.54
N ILE A 292 10.96 29.41 -30.77
CA ILE A 292 11.27 28.86 -29.46
C ILE A 292 12.08 27.58 -29.52
N LYS A 293 13.15 27.55 -28.73
CA LYS A 293 14.02 26.39 -28.62
C LYS A 293 13.37 25.36 -27.74
N ALA A 294 12.99 24.25 -28.36
CA ALA A 294 12.44 23.09 -27.68
C ALA A 294 12.37 21.96 -28.68
N SER A 295 12.15 20.76 -28.18
CA SER A 295 11.94 19.60 -29.02
C SER A 295 10.46 19.43 -29.31
N SER A 296 10.17 18.87 -30.47
CA SER A 296 8.85 18.43 -30.86
C SER A 296 8.46 17.12 -30.18
N GLN A 297 9.41 16.46 -29.51
CA GLN A 297 9.12 15.24 -28.75
C GLN A 297 9.18 15.54 -27.26
N LEU A 298 8.04 15.34 -26.60
CA LEU A 298 7.88 15.64 -25.19
C LEU A 298 9.01 15.12 -24.29
N GLU A 299 9.41 13.86 -24.49
CA GLU A 299 10.42 13.26 -23.62
C GLU A 299 11.74 14.04 -23.59
N ASP A 300 12.07 14.72 -24.68
CA ASP A 300 13.31 15.53 -24.76
C ASP A 300 13.26 16.81 -23.89
N ASN A 301 12.06 17.32 -23.62
CA ASN A 301 11.90 18.57 -22.89
C ASN A 301 11.84 18.37 -21.38
N VAL A 302 11.64 17.12 -20.96
CA VAL A 302 11.60 16.78 -19.54
C VAL A 302 12.99 17.05 -18.95
N GLY A 303 13.05 17.83 -17.89
CA GLY A 303 14.32 18.19 -17.26
C GLY A 303 14.98 19.44 -17.77
N VAL A 304 14.52 20.00 -18.88
CA VAL A 304 15.11 21.21 -19.40
C VAL A 304 14.43 22.38 -18.70
N PRO A 305 15.22 23.30 -18.09
CA PRO A 305 14.60 24.46 -17.47
C PRO A 305 13.69 25.23 -18.42
N LEU A 306 12.59 25.72 -17.86
CA LEU A 306 11.57 26.51 -18.54
C LEU A 306 10.59 25.66 -19.38
N SER A 307 10.77 24.34 -19.46
CA SER A 307 9.83 23.54 -20.25
C SER A 307 8.38 23.64 -19.72
N THR A 308 8.16 23.54 -18.42
CA THR A 308 6.81 23.65 -17.87
C THR A 308 6.20 25.02 -18.15
N TYR A 309 6.98 26.07 -17.93
CA TYR A 309 6.60 27.43 -18.30
C TYR A 309 6.19 27.52 -19.77
N LEU A 310 6.96 26.88 -20.67
CA LEU A 310 6.64 26.94 -22.08
C LEU A 310 5.35 26.18 -22.42
N TYR A 311 5.14 25.00 -21.84
CA TYR A 311 3.86 24.29 -22.05
C TYR A 311 2.67 25.07 -21.48
N THR A 312 2.88 25.71 -20.33
CA THR A 312 1.81 26.44 -19.68
C THR A 312 1.43 27.70 -20.49
N THR A 313 2.44 28.45 -20.92
CA THR A 313 2.28 29.61 -21.81
C THR A 313 1.59 29.23 -23.12
N SER A 314 1.94 28.04 -23.64
CA SER A 314 1.31 27.53 -24.85
C SER A 314 -0.19 27.27 -24.61
N LEU A 315 -0.49 26.42 -23.63
CA LEU A 315 -1.85 26.03 -23.30
C LEU A 315 -2.75 27.25 -23.09
N MET A 316 -2.23 28.24 -22.36
CA MET A 316 -3.05 29.33 -21.85
C MET A 316 -2.97 30.60 -22.68
N HIS A 317 -2.13 30.61 -23.71
CA HIS A 317 -2.00 31.73 -24.61
C HIS A 317 -1.68 31.34 -26.05
N CSD A 318 -0.43 30.95 -26.35
CA CSD A 318 -0.02 30.83 -27.75
CB CSD A 318 1.44 30.46 -27.93
SG CSD A 318 2.55 31.58 -27.30
C CSD A 318 -0.84 29.80 -28.54
O CSD A 318 -1.20 30.06 -29.71
OD1 CSD A 318 3.08 32.46 -28.30
OD2 CSD A 318 2.09 32.14 -26.11
N MET A 319 -1.12 28.64 -27.95
CA MET A 319 -1.95 27.61 -28.62
C MET A 319 -3.40 28.07 -28.75
N THR A 320 -3.96 28.58 -27.65
CA THR A 320 -5.40 28.89 -27.60
C THR A 320 -5.77 30.07 -28.51
N VAL A 321 -4.89 31.06 -28.69
CA VAL A 321 -5.15 32.19 -29.57
C VAL A 321 -5.29 31.73 -31.03
N SER A 322 -4.50 30.75 -31.42
CA SER A 322 -4.56 30.16 -32.75
C SER A 322 -5.85 29.36 -32.93
N LEU A 323 -6.18 28.55 -31.92
CA LEU A 323 -7.41 27.76 -31.92
C LEU A 323 -8.69 28.62 -31.94
N ALA A 324 -8.64 29.83 -31.36
CA ALA A 324 -9.75 30.81 -31.41
C ALA A 324 -10.13 31.15 -32.85
N LEU A 325 -9.13 31.19 -33.72
CA LEU A 325 -9.29 31.48 -35.14
C LEU A 325 -9.52 30.21 -35.99
N ASP A 326 -9.92 29.12 -35.34
CA ASP A 326 -9.96 27.78 -35.96
C ASP A 326 -8.63 27.51 -36.69
N GLY A 327 -7.53 27.73 -35.98
CA GLY A 327 -6.21 27.62 -36.55
C GLY A 327 -5.50 26.33 -36.17
N ALA A 328 -4.21 26.29 -36.52
CA ALA A 328 -3.40 25.10 -36.41
C ALA A 328 -3.09 24.72 -34.96
N GLY A 329 -2.99 25.71 -34.09
CA GLY A 329 -2.72 25.47 -32.69
C GLY A 329 -1.44 24.70 -32.44
N LEU A 330 -0.38 25.08 -33.15
CA LEU A 330 0.90 24.40 -32.99
C LEU A 330 1.48 24.62 -31.59
N GLY A 331 1.25 25.79 -31.02
CA GLY A 331 1.71 26.10 -29.68
C GLY A 331 3.18 26.48 -29.62
N THR A 332 3.55 26.99 -28.45
CA THR A 332 4.91 27.50 -28.15
C THR A 332 5.99 26.42 -28.27
N VAL A 333 5.62 25.17 -28.00
CA VAL A 333 6.55 24.06 -27.97
C VAL A 333 6.49 23.26 -29.27
N TRP A 334 6.09 23.90 -30.37
CA TRP A 334 6.01 23.19 -31.64
C TRP A 334 7.32 22.42 -31.95
N GLY A 335 8.47 23.04 -31.63
CA GLY A 335 9.73 22.32 -31.57
C GLY A 335 10.54 22.36 -32.84
N ARG A 336 11.85 22.15 -32.69
CA ARG A 336 12.80 22.21 -33.81
C ARG A 336 12.43 21.30 -34.99
N GLN A 337 12.12 20.04 -34.67
CA GLN A 337 11.92 19.04 -35.72
C GLN A 337 10.74 19.42 -36.60
N LEU A 338 9.63 19.80 -35.98
CA LEU A 338 8.43 20.24 -36.71
C LEU A 338 8.68 21.55 -37.48
N ALA A 339 9.37 22.50 -36.84
CA ALA A 339 9.71 23.74 -37.52
C ALA A 339 10.55 23.49 -38.77
N THR A 340 11.56 22.63 -38.66
CA THR A 340 12.43 22.24 -39.75
C THR A 340 11.67 21.57 -40.91
N SER A 341 10.79 20.62 -40.58
CA SER A 341 10.00 19.94 -41.61
C SER A 341 8.95 20.87 -42.28
N MET A 342 8.35 21.77 -41.51
CA MET A 342 7.43 22.78 -42.12
C MET A 342 8.14 23.75 -43.06
N LEU A 343 9.38 24.12 -42.76
CA LEU A 343 10.18 24.93 -43.67
C LEU A 343 10.42 24.18 -44.96
N ALA A 344 10.74 22.88 -44.86
CA ALA A 344 10.83 22.03 -46.05
C ALA A 344 9.51 21.99 -46.85
N ASP A 345 8.37 21.84 -46.15
CA ASP A 345 7.05 21.82 -46.80
C ASP A 345 6.80 23.13 -47.57
N ALA A 346 7.31 24.24 -47.03
CA ALA A 346 7.15 25.54 -47.67
C ALA A 346 8.02 25.76 -48.90
N GLY A 347 8.99 24.87 -49.14
CA GLY A 347 9.83 24.89 -50.35
C GLY A 347 11.32 25.06 -50.11
N PHE A 348 11.72 25.33 -48.87
CA PHE A 348 13.13 25.49 -48.54
C PHE A 348 13.84 24.13 -48.51
N THR A 349 14.85 23.95 -49.36
CA THR A 349 15.68 22.74 -49.36
C THR A 349 17.01 22.94 -48.61
N ASP A 350 17.20 24.13 -48.02
CA ASP A 350 18.47 24.52 -47.40
C ASP A 350 18.16 25.23 -46.09
N VAL A 351 18.21 24.46 -45.01
CA VAL A 351 17.86 24.97 -43.67
C VAL A 351 18.97 24.63 -42.66
N THR A 352 19.42 25.63 -41.91
CA THR A 352 20.29 25.40 -40.76
C THR A 352 19.68 26.01 -39.50
N VAL A 353 20.13 25.53 -38.36
CA VAL A 353 19.63 25.99 -37.06
C VAL A 353 20.83 26.50 -36.33
N ALA A 354 20.84 27.79 -36.02
CA ALA A 354 21.91 28.40 -35.25
C ALA A 354 21.44 28.65 -33.83
N GLU A 355 22.38 28.55 -32.90
CA GLU A 355 22.14 28.90 -31.50
C GLU A 355 23.12 29.99 -31.05
N ILE A 356 22.69 30.82 -30.09
CA ILE A 356 23.61 31.72 -29.40
C ILE A 356 23.76 31.17 -27.99
N GLU A 357 25.01 30.91 -27.58
CA GLU A 357 25.33 30.42 -26.23
C GLU A 357 24.60 31.19 -25.13
N SER A 358 24.53 32.52 -25.29
CA SER A 358 23.82 33.41 -24.36
C SER A 358 22.33 33.59 -24.66
N ASP A 359 21.66 32.51 -25.09
CA ASP A 359 20.24 32.56 -25.40
C ASP A 359 19.66 31.13 -25.35
N VAL A 360 19.04 30.80 -24.23
CA VAL A 360 18.48 29.46 -24.03
C VAL A 360 17.08 29.31 -24.63
N LEU A 361 16.39 30.41 -24.93
CA LEU A 361 14.98 30.30 -25.33
C LEU A 361 14.73 30.26 -26.83
N ASN A 362 15.68 30.70 -27.67
CA ASN A 362 15.43 30.83 -29.12
C ASN A 362 16.33 29.97 -29.98
N ASN A 363 15.75 29.37 -31.02
CA ASN A 363 16.51 28.87 -32.17
C ASN A 363 16.48 29.89 -33.27
N TYR A 364 17.55 29.94 -34.05
CA TYR A 364 17.68 30.82 -35.20
C TYR A 364 17.71 29.96 -36.44
N TYR A 365 16.57 29.89 -37.13
CA TYR A 365 16.45 29.08 -38.35
C TYR A 365 16.84 29.92 -39.56
N ILE A 366 17.78 29.42 -40.35
CA ILE A 366 18.30 30.12 -41.51
C ILE A 366 17.92 29.30 -42.71
N ALA A 367 16.98 29.81 -43.50
CA ALA A 367 16.41 29.05 -44.61
C ALA A 367 16.71 29.81 -45.89
N ARG A 368 17.49 29.20 -46.78
CA ARG A 368 17.91 29.86 -48.02
C ARG A 368 17.14 29.35 -49.22
N LYS A 369 16.79 30.28 -50.12
CA LYS A 369 16.07 29.94 -51.34
C LYS A 369 17.07 29.73 -52.49
N LEU A 370 16.84 28.67 -53.27
CA LEU A 370 17.60 28.35 -54.50
C LEU A 370 17.78 29.59 -55.39
N GLU A 371 18.92 29.67 -56.08
CA GLU A 371 19.19 30.82 -56.96
C GLU A 371 18.49 30.71 -58.34
N HIS A 372 17.97 29.56 -58.62
CA HIS A 372 17.37 29.28 -59.89
C HIS A 372 16.14 30.12 -60.26
N HIS A 373 16.07 30.61 -61.49
CA HIS A 373 14.93 31.48 -61.86
C HIS A 373 13.64 30.66 -61.99
N HIS A 374 12.51 31.30 -61.80
CA HIS A 374 11.26 30.60 -61.94
C HIS A 374 11.28 29.73 -63.21
N HIS B 10 5.18 1.55 35.43
CA HIS B 10 3.84 2.21 35.48
C HIS B 10 3.99 3.66 35.91
N SER B 11 3.17 4.53 35.31
CA SER B 11 3.26 5.98 35.53
C SER B 11 2.47 6.42 36.77
N SER B 12 3.19 7.01 37.72
CA SER B 12 2.60 7.65 38.89
C SER B 12 1.84 8.94 38.55
N GLY B 13 2.19 9.59 37.43
CA GLY B 13 1.74 10.95 37.15
C GLY B 13 2.70 12.02 37.65
N LEU B 14 3.75 11.63 38.38
CA LEU B 14 4.72 12.59 38.93
C LEU B 14 5.94 12.83 38.06
N VAL B 15 6.10 12.05 36.97
CA VAL B 15 7.34 12.04 36.20
C VAL B 15 7.05 12.20 34.72
N PRO B 16 7.69 13.17 34.06
CA PRO B 16 7.53 13.27 32.59
C PRO B 16 8.22 12.10 31.89
N ARG B 17 7.51 11.47 30.95
CA ARG B 17 8.04 10.35 30.19
C ARG B 17 7.96 10.66 28.71
N GLY B 18 8.86 10.05 27.95
CA GLY B 18 8.95 10.28 26.51
C GLY B 18 7.84 9.60 25.73
N SER B 19 7.25 8.56 26.34
CA SER B 19 6.12 7.85 25.74
C SER B 19 5.15 7.36 26.81
N HIS B 20 3.91 7.12 26.39
CA HIS B 20 2.88 6.54 27.26
C HIS B 20 3.33 5.17 27.75
N MET B 21 3.18 4.92 29.05
CA MET B 21 3.53 3.64 29.67
C MET B 21 2.29 2.76 29.73
N GLU B 22 2.32 1.64 29.01
CA GLU B 22 1.15 0.76 28.87
C GLU B 22 0.86 0.05 30.20
N THR B 23 -0.40 0.09 30.62
CA THR B 23 -0.85 -0.58 31.85
C THR B 23 -1.17 -2.05 31.60
N THR B 24 -1.30 -2.80 32.69
CA THR B 24 -1.75 -4.20 32.64
C THR B 24 -3.11 -4.30 31.92
N GLU B 25 -4.06 -3.43 32.29
CA GLU B 25 -5.39 -3.38 31.66
C GLU B 25 -5.35 -3.13 30.14
N GLU B 26 -4.63 -2.09 29.73
CA GLU B 26 -4.53 -1.71 28.33
C GLU B 26 -3.92 -2.84 27.48
N PHE B 27 -2.95 -3.55 28.05
CA PHE B 27 -2.34 -4.67 27.35
C PHE B 27 -3.36 -5.81 27.20
N GLY B 28 -4.11 -6.08 28.27
CA GLY B 28 -5.18 -7.07 28.23
C GLY B 28 -6.17 -6.83 27.13
N ASN B 29 -6.60 -5.58 27.00
CA ASN B 29 -7.49 -5.18 25.93
C ASN B 29 -6.85 -5.29 24.55
N ARG B 30 -5.59 -4.86 24.45
CA ARG B 30 -4.86 -4.97 23.18
C ARG B 30 -4.75 -6.42 22.75
N PHE B 31 -4.39 -7.31 23.68
CA PHE B 31 -4.21 -8.71 23.30
C PHE B 31 -5.53 -9.40 22.94
N VAL B 32 -6.61 -9.07 23.65
CA VAL B 32 -7.93 -9.62 23.28
C VAL B 32 -8.32 -9.13 21.89
N ALA B 33 -8.06 -7.85 21.59
CA ALA B 33 -8.30 -7.33 20.25
C ALA B 33 -7.49 -8.08 19.17
N ALA B 34 -6.27 -8.49 19.52
CA ALA B 34 -5.42 -9.28 18.60
C ALA B 34 -6.04 -10.64 18.31
N ILE B 35 -6.57 -11.29 19.34
CA ILE B 35 -7.28 -12.57 19.18
C ILE B 35 -8.49 -12.41 18.27
N ASP B 36 -9.28 -11.35 18.47
CA ASP B 36 -10.39 -11.05 17.57
C ASP B 36 -9.90 -10.79 16.13
N SER B 37 -8.79 -10.07 15.99
CA SER B 37 -8.22 -9.81 14.66
C SER B 37 -7.77 -11.10 13.94
N ALA B 38 -7.22 -12.04 14.70
CA ALA B 38 -6.82 -13.35 14.18
C ALA B 38 -8.01 -14.11 13.66
N GLY B 39 -9.08 -14.12 14.45
CA GLY B 39 -10.37 -14.67 13.98
C GLY B 39 -10.86 -14.03 12.70
N LEU B 40 -10.81 -12.70 12.65
CA LEU B 40 -11.27 -11.99 11.46
C LEU B 40 -10.40 -12.32 10.24
N ALA B 41 -9.10 -12.43 10.43
CA ALA B 41 -8.24 -12.81 9.29
C ALA B 41 -8.63 -14.20 8.74
N ILE B 42 -8.89 -15.15 9.62
CA ILE B 42 -9.35 -16.47 9.21
C ILE B 42 -10.68 -16.37 8.44
N LEU B 43 -11.61 -15.55 8.94
CA LEU B 43 -12.87 -15.34 8.25
C LEU B 43 -12.66 -14.71 6.85
N VAL B 44 -11.73 -13.77 6.73
CA VAL B 44 -11.47 -13.15 5.43
C VAL B 44 -10.86 -14.16 4.45
N SER B 45 -9.96 -15.01 4.96
CA SER B 45 -9.41 -16.15 4.20
C SER B 45 -10.48 -17.07 3.69
N VAL B 46 -11.43 -17.44 4.56
CA VAL B 46 -12.56 -18.27 4.16
C VAL B 46 -13.40 -17.53 3.11
N GLY B 47 -13.59 -16.23 3.32
CA GLY B 47 -14.35 -15.40 2.37
C GLY B 47 -13.73 -15.34 0.97
N HIS B 48 -12.40 -15.31 0.92
CA HIS B 48 -11.66 -15.37 -0.36
C HIS B 48 -11.79 -16.74 -1.03
N GLN B 49 -11.59 -17.80 -0.27
CA GLN B 49 -11.55 -19.16 -0.86
C GLN B 49 -12.91 -19.71 -1.26
N THR B 50 -13.98 -19.27 -0.59
CA THR B 50 -15.36 -19.64 -0.94
C THR B 50 -15.99 -18.75 -2.01
N GLY B 51 -15.34 -17.65 -2.38
CA GLY B 51 -15.93 -16.65 -3.27
C GLY B 51 -17.03 -15.77 -2.65
N LEU B 52 -17.15 -15.80 -1.31
CA LEU B 52 -18.16 -15.00 -0.62
C LEU B 52 -17.91 -13.50 -0.75
N LEU B 53 -16.67 -13.08 -0.62
CA LEU B 53 -16.35 -11.66 -0.72
C LEU B 53 -16.63 -11.18 -2.16
N ASP B 54 -16.24 -11.97 -3.15
CA ASP B 54 -16.55 -11.68 -4.55
C ASP B 54 -18.06 -11.53 -4.76
N THR B 55 -18.81 -12.53 -4.31
CA THR B 55 -20.28 -12.52 -4.43
C THR B 55 -20.90 -11.26 -3.85
N MET B 56 -20.54 -10.93 -2.62
CA MET B 56 -21.08 -9.75 -1.96
C MET B 56 -20.71 -8.44 -2.66
N ALA B 57 -19.53 -8.36 -3.27
CA ALA B 57 -19.13 -7.17 -4.02
C ALA B 57 -20.03 -6.83 -5.21
N GLY B 58 -20.74 -7.82 -5.75
CA GLY B 58 -21.74 -7.60 -6.81
C GLY B 58 -23.19 -7.79 -6.40
N LEU B 59 -23.50 -7.51 -5.12
CA LEU B 59 -24.87 -7.59 -4.60
C LEU B 59 -25.24 -6.31 -3.89
N PRO B 60 -26.53 -5.95 -3.90
CA PRO B 60 -26.99 -4.90 -3.01
C PRO B 60 -27.16 -5.50 -1.60
N PRO B 61 -27.54 -4.66 -0.61
CA PRO B 61 -27.83 -5.23 0.71
C PRO B 61 -28.74 -6.46 0.60
N ALA B 62 -28.36 -7.55 1.27
CA ALA B 62 -29.07 -8.81 1.11
C ALA B 62 -29.09 -9.61 2.40
N THR B 63 -30.06 -10.52 2.51
CA THR B 63 -30.19 -11.41 3.66
C THR B 63 -29.12 -12.49 3.59
N SER B 64 -28.97 -13.21 4.70
CA SER B 64 -28.08 -14.36 4.75
C SER B 64 -28.44 -15.39 3.68
N MET B 65 -29.74 -15.71 3.57
CA MET B 65 -30.22 -16.69 2.58
C MET B 65 -29.95 -16.23 1.15
N GLU B 66 -30.18 -14.96 0.86
CA GLU B 66 -29.89 -14.37 -0.45
C GLU B 66 -28.40 -14.48 -0.84
N ILE B 67 -27.52 -14.15 0.10
CA ILE B 67 -26.08 -14.21 -0.13
C ILE B 67 -25.64 -15.64 -0.37
N ALA B 68 -26.20 -16.58 0.39
CA ALA B 68 -25.88 -17.99 0.26
C ALA B 68 -26.28 -18.53 -1.11
N GLU B 69 -27.50 -18.21 -1.53
CA GLU B 69 -28.02 -18.62 -2.85
C GLU B 69 -27.16 -18.06 -3.98
N ALA B 70 -26.87 -16.77 -3.91
CA ALA B 70 -25.99 -16.12 -4.89
C ALA B 70 -24.58 -16.74 -4.94
N ALA B 71 -24.01 -17.05 -3.78
CA ALA B 71 -22.68 -17.65 -3.72
C ALA B 71 -22.69 -19.15 -4.00
N GLY B 72 -23.87 -19.78 -3.94
CA GLY B 72 -24.00 -21.23 -4.16
C GLY B 72 -23.50 -22.08 -3.02
N LEU B 73 -23.76 -21.63 -1.79
CA LEU B 73 -23.21 -22.23 -0.59
C LEU B 73 -24.28 -22.47 0.48
N GLU B 74 -23.93 -23.29 1.47
CA GLU B 74 -24.82 -23.63 2.59
C GLU B 74 -25.10 -22.40 3.44
N GLU B 75 -26.38 -22.05 3.58
CA GLU B 75 -26.76 -20.83 4.28
C GLU B 75 -26.29 -20.81 5.74
N ARG B 76 -26.31 -21.96 6.42
CA ARG B 76 -25.99 -21.97 7.86
C ARG B 76 -24.52 -21.58 8.11
N TYR B 77 -23.64 -22.02 7.22
CA TYR B 77 -22.23 -21.61 7.22
C TYR B 77 -22.04 -20.14 6.88
N VAL B 78 -22.70 -19.68 5.82
CA VAL B 78 -22.65 -18.28 5.42
C VAL B 78 -23.13 -17.36 6.56
N ARG B 79 -24.21 -17.78 7.24
CA ARG B 79 -24.76 -16.99 8.35
C ARG B 79 -23.74 -16.77 9.45
N GLU B 80 -23.10 -17.85 9.91
CA GLU B 80 -22.11 -17.73 11.00
C GLU B 80 -20.89 -16.93 10.57
N TRP B 81 -20.45 -17.15 9.33
CA TRP B 81 -19.41 -16.34 8.70
C TRP B 81 -19.75 -14.84 8.69
N LEU B 82 -20.97 -14.50 8.25
CA LEU B 82 -21.44 -13.11 8.24
C LEU B 82 -21.42 -12.48 9.64
N GLY B 83 -21.73 -13.28 10.64
CA GLY B 83 -21.74 -12.81 12.05
C GLY B 83 -20.39 -12.24 12.43
N GLY B 84 -19.36 -13.05 12.26
CA GLY B 84 -17.99 -12.65 12.58
C GLY B 84 -17.46 -11.54 11.69
N MET B 85 -17.80 -11.60 10.41
CA MET B 85 -17.42 -10.52 9.47
C MET B 85 -18.08 -9.19 9.84
N THR B 86 -19.26 -9.27 10.45
CA THR B 86 -19.97 -8.09 10.95
C THR B 86 -19.39 -7.58 12.26
N THR B 87 -19.15 -8.48 13.23
CA THR B 87 -18.54 -8.05 14.50
C THR B 87 -17.12 -7.52 14.28
N GLY B 88 -16.43 -8.04 13.27
CA GLY B 88 -15.13 -7.54 12.87
C GLY B 88 -15.16 -6.23 12.08
N GLN B 89 -16.36 -5.68 11.83
CA GLN B 89 -16.57 -4.39 11.15
C GLN B 89 -15.97 -4.37 9.74
N ILE B 90 -16.22 -5.45 9.01
CA ILE B 90 -15.97 -5.51 7.57
C ILE B 90 -17.33 -5.48 6.90
N VAL B 91 -18.15 -6.51 7.14
CA VAL B 91 -19.52 -6.54 6.68
C VAL B 91 -20.38 -5.64 7.57
N GLU B 92 -21.35 -4.96 6.96
CA GLU B 92 -22.31 -4.08 7.66
C GLU B 92 -23.65 -4.79 7.72
N TYR B 93 -24.26 -4.80 8.91
CA TYR B 93 -25.55 -5.44 9.13
C TYR B 93 -26.57 -4.37 9.50
N ASP B 94 -27.72 -4.45 8.85
CA ASP B 94 -28.85 -3.59 9.19
C ASP B 94 -29.90 -4.44 9.89
N ALA B 95 -30.04 -4.22 11.19
CA ALA B 95 -30.96 -5.00 12.01
C ALA B 95 -32.44 -4.79 11.62
N GLY B 96 -32.79 -3.61 11.14
CA GLY B 96 -34.17 -3.34 10.66
C GLY B 96 -34.64 -4.32 9.61
N SER B 97 -33.76 -4.57 8.64
CA SER B 97 -34.09 -5.40 7.49
C SER B 97 -33.45 -6.79 7.51
N SER B 98 -32.59 -7.08 8.48
CA SER B 98 -31.75 -8.30 8.48
C SER B 98 -30.97 -8.48 7.18
N THR B 99 -30.40 -7.40 6.68
CA THR B 99 -29.59 -7.43 5.46
C THR B 99 -28.13 -7.11 5.76
N TYR B 100 -27.24 -7.67 4.96
CA TYR B 100 -25.81 -7.51 5.09
C TYR B 100 -25.25 -6.89 3.82
N SER B 101 -24.24 -6.05 3.98
CA SER B 101 -23.60 -5.34 2.89
C SER B 101 -22.08 -5.29 3.07
N LEU B 102 -21.33 -5.43 1.98
CA LEU B 102 -19.87 -5.19 1.99
C LEU B 102 -19.60 -3.81 1.40
N PRO B 103 -19.23 -2.81 2.22
CA PRO B 103 -18.94 -1.48 1.69
C PRO B 103 -17.92 -1.50 0.52
N ALA B 104 -18.16 -0.64 -0.48
CA ALA B 104 -17.32 -0.60 -1.69
C ALA B 104 -15.86 -0.35 -1.39
N HIS B 105 -15.58 0.56 -0.46
CA HIS B 105 -14.20 0.86 -0.07
C HIS B 105 -13.46 -0.34 0.53
N ARG B 106 -14.21 -1.27 1.13
CA ARG B 106 -13.64 -2.51 1.65
C ARG B 106 -13.59 -3.60 0.57
N ALA B 107 -14.66 -3.72 -0.22
CA ALA B 107 -14.70 -4.67 -1.34
C ALA B 107 -13.52 -4.46 -2.30
N GLY B 108 -13.13 -3.21 -2.52
CA GLY B 108 -11.91 -2.87 -3.28
C GLY B 108 -10.56 -3.25 -2.68
N MET B 109 -10.54 -3.78 -1.45
CA MET B 109 -9.31 -4.32 -0.83
C MET B 109 -9.41 -5.83 -0.53
N LEU B 110 -10.49 -6.49 -0.96
CA LEU B 110 -10.81 -7.86 -0.49
C LEU B 110 -11.36 -8.82 -1.55
N THR B 111 -11.32 -8.43 -2.83
CA THR B 111 -11.94 -9.20 -3.90
C THR B 111 -10.96 -9.38 -5.06
N ARG B 112 -11.20 -10.42 -5.86
CA ARG B 112 -10.34 -10.76 -7.00
C ARG B 112 -10.27 -9.63 -8.04
N ALA B 113 -11.40 -8.96 -8.26
CA ALA B 113 -11.45 -7.79 -9.13
C ALA B 113 -10.48 -6.67 -8.71
N ALA B 114 -10.09 -6.61 -7.44
CA ALA B 114 -9.09 -5.64 -7.00
C ALA B 114 -7.64 -6.00 -7.40
N GLY B 115 -7.43 -7.12 -8.07
CA GLY B 115 -6.13 -7.48 -8.63
C GLY B 115 -5.06 -7.52 -7.55
N PRO B 116 -4.03 -6.65 -7.66
CA PRO B 116 -2.94 -6.64 -6.68
C PRO B 116 -3.26 -5.99 -5.32
N ASP B 117 -4.41 -5.31 -5.20
CA ASP B 117 -4.80 -4.72 -3.91
C ASP B 117 -5.67 -5.67 -3.07
N ASN B 118 -5.87 -6.91 -3.53
CA ASN B 118 -6.67 -7.89 -2.79
C ASN B 118 -5.95 -8.41 -1.55
N LEU B 119 -6.25 -7.81 -0.40
CA LEU B 119 -5.65 -8.19 0.88
C LEU B 119 -6.19 -9.47 1.49
N ALA B 120 -7.27 -10.02 0.93
CA ALA B 120 -7.83 -11.29 1.40
C ALA B 120 -6.95 -12.49 1.06
N VAL B 121 -6.05 -12.32 0.09
CA VAL B 121 -5.10 -13.37 -0.25
C VAL B 121 -4.12 -13.62 0.88
N ILE B 122 -3.44 -12.58 1.36
CA ILE B 122 -2.50 -12.72 2.48
C ILE B 122 -3.17 -13.25 3.77
N ALA B 123 -4.46 -12.99 3.96
CA ALA B 123 -5.23 -13.55 5.09
C ALA B 123 -5.13 -15.08 5.20
N GLN B 124 -4.94 -15.75 4.07
CA GLN B 124 -4.80 -17.21 4.06
C GLN B 124 -3.60 -17.73 4.84
N PHE B 125 -2.62 -16.87 5.12
CA PHE B 125 -1.42 -17.27 5.87
C PHE B 125 -1.72 -17.83 7.26
N VAL B 126 -2.76 -17.29 7.93
CA VAL B 126 -3.01 -17.62 9.34
C VAL B 126 -3.21 -19.12 9.49
N SER B 127 -4.13 -19.67 8.72
CA SER B 127 -4.42 -21.10 8.77
C SER B 127 -3.28 -21.95 8.25
N LEU B 128 -2.57 -21.47 7.23
CA LEU B 128 -1.41 -22.21 6.72
C LEU B 128 -0.29 -22.34 7.76
N LEU B 129 0.00 -21.28 8.50
CA LEU B 129 0.95 -21.40 9.62
C LEU B 129 0.36 -22.18 10.79
N GLY B 130 -0.94 -22.03 11.02
CA GLY B 130 -1.64 -22.80 12.03
C GLY B 130 -1.50 -24.30 11.82
N GLU B 131 -1.58 -24.72 10.56
CA GLU B 131 -1.40 -26.14 10.19
C GLU B 131 -0.01 -26.72 10.53
N VAL B 132 1.02 -25.89 10.64
CA VAL B 132 2.37 -26.37 10.97
C VAL B 132 2.87 -25.99 12.35
N GLU B 133 2.01 -25.37 13.18
CA GLU B 133 2.46 -24.86 14.47
C GLU B 133 3.14 -25.93 15.34
N GLN B 134 2.51 -27.10 15.46
CA GLN B 134 3.02 -28.16 16.32
C GLN B 134 4.39 -28.66 15.83
N LYS B 135 4.53 -28.81 14.52
CA LYS B 135 5.82 -29.19 13.91
C LYS B 135 6.91 -28.17 14.15
N VAL B 136 6.59 -26.88 14.01
CA VAL B 136 7.57 -25.82 14.25
C VAL B 136 7.97 -25.82 15.73
N ILE B 137 6.99 -25.98 16.62
CA ILE B 137 7.26 -26.00 18.06
C ILE B 137 8.28 -27.08 18.41
N ARG B 138 8.13 -28.27 17.81
CA ARG B 138 9.06 -29.37 18.02
C ARG B 138 10.50 -28.96 17.71
N CYS B 139 10.70 -28.19 16.64
CA CYS B 139 12.04 -27.72 16.26
C CYS B 139 12.69 -26.78 17.27
N PHE B 140 11.89 -26.05 18.06
CA PHE B 140 12.46 -25.24 19.15
C PHE B 140 13.20 -26.16 20.13
N ARG B 141 12.67 -27.36 20.35
CA ARG B 141 13.26 -28.33 21.27
C ARG B 141 14.37 -29.14 20.60
N GLU B 142 14.06 -29.67 19.41
CA GLU B 142 14.87 -30.70 18.76
C GLU B 142 15.79 -30.23 17.62
N GLY B 143 15.77 -28.95 17.29
CA GLY B 143 16.55 -28.43 16.17
C GLY B 143 16.04 -28.89 14.82
N GLY B 144 16.89 -28.72 13.80
CA GLY B 144 16.49 -29.02 12.43
C GLY B 144 15.40 -28.06 11.97
N GLY B 145 14.48 -28.55 11.15
CA GLY B 145 13.37 -27.73 10.67
C GLY B 145 12.28 -28.54 10.01
N VAL B 146 11.23 -27.86 9.58
CA VAL B 146 10.12 -28.48 8.88
C VAL B 146 10.42 -28.45 7.38
N PRO B 147 10.44 -29.63 6.73
CA PRO B 147 10.79 -29.69 5.31
C PRO B 147 9.83 -28.95 4.39
N TYR B 148 10.39 -28.47 3.29
CA TYR B 148 9.66 -27.82 2.19
C TYR B 148 8.42 -28.59 1.79
N SER B 149 8.54 -29.92 1.69
CA SER B 149 7.46 -30.81 1.23
C SER B 149 6.20 -30.78 2.10
N GLU B 150 6.31 -30.30 3.33
CA GLU B 150 5.16 -30.14 4.22
C GLU B 150 4.25 -28.94 3.88
N TYR B 151 4.65 -28.09 2.94
CA TYR B 151 3.95 -26.84 2.67
C TYR B 151 3.37 -26.67 1.25
N PRO B 152 2.74 -27.71 0.67
CA PRO B 152 2.26 -27.53 -0.71
C PRO B 152 1.27 -26.35 -0.87
N ARG B 153 0.29 -26.23 0.04
CA ARG B 153 -0.67 -25.14 -0.07
C ARG B 153 -0.06 -23.77 0.22
N PHE B 154 0.87 -23.68 1.17
CA PHE B 154 1.57 -22.42 1.44
C PHE B 154 2.36 -21.93 0.23
N HIS B 155 2.93 -22.87 -0.54
CA HIS B 155 3.64 -22.51 -1.77
C HIS B 155 2.69 -21.99 -2.84
N LYS B 156 1.47 -22.54 -2.89
CA LYS B 156 0.43 -21.94 -3.72
C LYS B 156 0.08 -20.51 -3.26
N LEU B 157 0.03 -20.26 -1.95
CA LEU B 157 -0.17 -18.88 -1.46
C LEU B 157 0.91 -17.93 -1.99
N MET B 158 2.17 -18.32 -1.81
CA MET B 158 3.31 -17.51 -2.28
C MET B 158 3.23 -17.22 -3.79
N ALA B 159 2.86 -18.23 -4.57
CA ALA B 159 2.66 -18.08 -6.01
C ALA B 159 1.49 -17.14 -6.37
N GLU B 160 0.41 -17.20 -5.57
CA GLU B 160 -0.75 -16.32 -5.75
C GLU B 160 -0.34 -14.87 -5.48
N MET B 161 0.36 -14.66 -4.37
CA MET B 161 0.84 -13.30 -4.00
C MET B 161 1.84 -12.73 -5.02
N SER B 162 2.85 -13.53 -5.38
CA SER B 162 3.80 -13.17 -6.44
C SER B 162 3.08 -12.93 -7.77
N GLY B 163 2.13 -13.81 -8.11
CA GLY B 163 1.35 -13.68 -9.35
C GLY B 163 0.62 -12.35 -9.51
N MET B 164 0.03 -11.88 -8.43
CA MET B 164 -0.62 -10.57 -8.41
C MET B 164 0.34 -9.44 -8.82
N VAL B 165 1.56 -9.48 -8.30
CA VAL B 165 2.58 -8.48 -8.64
C VAL B 165 3.11 -8.70 -10.08
N PHE B 166 3.36 -9.95 -10.46
CA PHE B 166 3.76 -10.28 -11.85
C PHE B 166 2.77 -9.76 -12.89
N ASP B 167 1.51 -10.08 -12.70
CA ASP B 167 0.48 -9.70 -13.67
C ASP B 167 0.33 -8.19 -13.79
N ALA B 168 0.43 -7.52 -12.65
CA ALA B 168 0.26 -6.07 -12.58
C ALA B 168 1.50 -5.29 -13.01
N ALA B 169 2.71 -5.86 -12.86
CA ALA B 169 3.92 -5.02 -12.90
C ALA B 169 5.18 -5.52 -13.64
N LEU B 170 5.26 -6.80 -13.99
CA LEU B 170 6.55 -7.38 -14.41
C LEU B 170 7.07 -6.75 -15.69
N ILE B 171 6.25 -6.80 -16.73
CA ILE B 171 6.66 -6.35 -18.05
C ILE B 171 6.78 -4.83 -18.13
N ASP B 172 5.80 -4.10 -17.58
CA ASP B 172 5.74 -2.64 -17.75
C ASP B 172 6.40 -1.82 -16.64
N VAL B 173 6.61 -2.40 -15.47
CA VAL B 173 7.24 -1.68 -14.34
C VAL B 173 8.57 -2.27 -13.86
N VAL B 174 8.61 -3.58 -13.68
CA VAL B 174 9.78 -4.24 -13.08
C VAL B 174 10.97 -4.26 -14.05
N LEU B 175 10.77 -4.83 -15.23
CA LEU B 175 11.88 -4.99 -16.15
C LEU B 175 12.47 -3.62 -16.57
N PRO B 176 11.60 -2.60 -16.78
CA PRO B 176 12.12 -1.26 -17.05
C PRO B 176 12.90 -0.59 -15.93
N LEU B 177 12.89 -1.13 -14.71
CA LEU B 177 13.82 -0.66 -13.66
C LEU B 177 15.28 -0.78 -14.08
N VAL B 178 15.60 -1.79 -14.90
CA VAL B 178 16.97 -2.02 -15.32
C VAL B 178 17.20 -1.25 -16.61
N ASP B 179 18.08 -0.26 -16.55
CA ASP B 179 18.29 0.67 -17.66
C ASP B 179 18.74 -0.12 -18.89
N GLY B 180 18.02 0.04 -19.98
CA GLY B 180 18.32 -0.64 -21.24
C GLY B 180 17.81 -2.05 -21.38
N LEU B 181 17.19 -2.59 -20.32
CA LEU B 181 16.80 -4.01 -20.34
C LEU B 181 15.70 -4.28 -21.34
N PRO B 182 14.63 -3.47 -21.35
CA PRO B 182 13.58 -3.73 -22.31
C PRO B 182 14.07 -3.72 -23.76
N ASP B 183 14.92 -2.76 -24.13
CA ASP B 183 15.54 -2.74 -25.46
C ASP B 183 16.33 -4.02 -25.75
N ARG B 184 17.15 -4.45 -24.78
CA ARG B 184 17.96 -5.66 -24.91
C ARG B 184 17.05 -6.88 -25.13
N LEU B 185 15.96 -6.96 -24.37
CA LEU B 185 15.01 -8.07 -24.50
C LEU B 185 14.29 -8.07 -25.84
N ARG B 186 13.98 -6.87 -26.35
CA ARG B 186 13.38 -6.74 -27.67
C ARG B 186 14.32 -7.16 -28.79
N SER B 187 15.60 -6.78 -28.68
CA SER B 187 16.62 -7.22 -29.64
C SER B 187 16.91 -8.71 -29.57
N GLY B 188 16.94 -9.27 -28.36
CA GLY B 188 17.27 -10.68 -28.15
C GLY B 188 18.37 -10.85 -27.12
N ALA B 189 18.03 -11.50 -26.02
CA ALA B 189 18.98 -11.83 -24.96
C ALA B 189 18.70 -13.24 -24.47
N ASP B 190 19.69 -13.82 -23.79
CA ASP B 190 19.54 -15.09 -23.10
C ASP B 190 19.25 -14.82 -21.62
N VAL B 191 18.08 -15.25 -21.17
CA VAL B 191 17.56 -14.92 -19.86
C VAL B 191 17.25 -16.19 -19.07
N ALA B 192 17.62 -16.21 -17.79
CA ALA B 192 17.18 -17.30 -16.91
C ALA B 192 16.47 -16.76 -15.68
N ASP B 193 15.43 -17.47 -15.27
CA ASP B 193 14.74 -17.21 -14.02
C ASP B 193 15.09 -18.35 -13.06
N PHE B 194 15.84 -18.03 -12.02
CA PHE B 194 16.31 -19.05 -11.04
C PHE B 194 15.25 -19.16 -9.99
N GLY B 195 14.69 -20.36 -9.81
CA GLY B 195 13.65 -20.62 -8.82
C GLY B 195 12.29 -20.26 -9.36
N CYS B 196 11.99 -20.76 -10.54
CA CYS B 196 10.85 -20.31 -11.34
C CYS B 196 9.47 -20.91 -10.97
N GLY B 197 9.46 -22.00 -10.22
CA GLY B 197 8.22 -22.71 -9.88
C GLY B 197 7.43 -23.08 -11.13
N SER B 198 6.14 -22.72 -11.15
CA SER B 198 5.26 -23.03 -12.29
C SER B 198 5.61 -22.26 -13.58
N GLY B 199 6.45 -21.23 -13.47
CA GLY B 199 6.96 -20.52 -14.63
C GLY B 199 6.12 -19.32 -15.07
N ARG B 200 5.35 -18.72 -14.16
CA ARG B 200 4.52 -17.55 -14.50
C ARG B 200 5.34 -16.38 -15.06
N ALA B 201 6.41 -16.01 -14.37
CA ALA B 201 7.27 -14.92 -14.83
C ALA B 201 7.90 -15.26 -16.19
N VAL B 202 8.38 -16.50 -16.37
CA VAL B 202 8.97 -16.91 -17.63
C VAL B 202 7.98 -16.83 -18.79
N LYS B 203 6.75 -17.29 -18.57
CA LYS B 203 5.71 -17.22 -19.61
C LYS B 203 5.34 -15.77 -19.97
N LEU B 204 5.16 -14.90 -18.98
CA LEU B 204 4.90 -13.48 -19.23
C LEU B 204 6.03 -12.85 -20.06
N MET B 205 7.28 -13.09 -19.65
CA MET B 205 8.44 -12.53 -20.36
C MET B 205 8.60 -13.08 -21.78
N ALA B 206 8.44 -14.40 -21.93
CA ALA B 206 8.60 -15.05 -23.23
C ALA B 206 7.49 -14.67 -24.23
N GLN B 207 6.28 -14.46 -23.72
CA GLN B 207 5.16 -13.91 -24.54
C GLN B 207 5.45 -12.48 -24.98
N ALA B 208 5.94 -11.66 -24.06
CA ALA B 208 6.25 -10.25 -24.35
C ALA B 208 7.49 -10.03 -25.23
N PHE B 209 8.51 -10.89 -25.10
CA PHE B 209 9.78 -10.71 -25.86
C PHE B 209 10.12 -11.94 -26.70
N GLY B 210 9.50 -12.03 -27.88
CA GLY B 210 9.67 -13.16 -28.78
C GLY B 210 11.09 -13.41 -29.28
N ALA B 211 11.92 -12.36 -29.35
CA ALA B 211 13.31 -12.51 -29.80
C ALA B 211 14.27 -13.03 -28.71
N SER B 212 13.84 -13.02 -27.45
CA SER B 212 14.68 -13.47 -26.33
C SER B 212 14.41 -14.93 -25.99
N ARG B 213 15.40 -15.58 -25.39
CA ARG B 213 15.29 -17.00 -24.97
C ARG B 213 15.28 -17.02 -23.45
N PHE B 214 14.32 -17.75 -22.89
CA PHE B 214 14.05 -17.76 -21.46
C PHE B 214 14.15 -19.18 -20.93
N THR B 215 14.93 -19.37 -19.86
CA THR B 215 15.04 -20.68 -19.19
C THR B 215 14.61 -20.51 -17.75
N GLY B 216 13.57 -21.24 -17.36
CA GLY B 216 13.18 -21.35 -15.95
C GLY B 216 13.95 -22.51 -15.35
N ILE B 217 14.60 -22.27 -14.21
CA ILE B 217 15.30 -23.33 -13.49
C ILE B 217 14.61 -23.49 -12.14
N ASP B 218 14.16 -24.72 -11.85
CA ASP B 218 13.51 -25.04 -10.56
C ASP B 218 13.96 -26.43 -10.08
N PHE B 219 13.95 -26.64 -8.77
CA PHE B 219 14.33 -27.93 -8.18
C PHE B 219 13.32 -29.07 -8.44
N SER B 220 12.04 -28.72 -8.62
CA SER B 220 10.98 -29.71 -8.74
C SER B 220 10.74 -30.11 -10.18
N ASP B 221 10.88 -31.40 -10.50
CA ASP B 221 10.67 -31.86 -11.88
C ASP B 221 9.19 -31.87 -12.28
N GLU B 222 8.27 -31.85 -11.31
CA GLU B 222 6.84 -31.66 -11.60
C GLU B 222 6.60 -30.25 -12.13
N ALA B 223 7.05 -29.25 -11.36
CA ALA B 223 7.00 -27.84 -11.76
C ALA B 223 7.61 -27.61 -13.15
N VAL B 224 8.80 -28.17 -13.36
CA VAL B 224 9.53 -28.10 -14.63
C VAL B 224 8.75 -28.75 -15.79
N ALA B 225 8.21 -29.95 -15.54
CA ALA B 225 7.34 -30.62 -16.52
C ALA B 225 6.08 -29.82 -16.83
N ALA B 226 5.51 -29.18 -15.81
CA ALA B 226 4.33 -28.32 -15.96
C ALA B 226 4.64 -27.08 -16.79
N GLY B 227 5.74 -26.40 -16.46
CA GLY B 227 6.23 -25.27 -17.23
C GLY B 227 6.45 -25.62 -18.69
N THR B 228 7.07 -26.77 -18.94
CA THR B 228 7.34 -27.25 -20.30
C THR B 228 6.06 -27.58 -21.07
N GLU B 229 5.08 -28.15 -20.38
CA GLU B 229 3.79 -28.51 -20.99
C GLU B 229 3.01 -27.25 -21.35
N GLU B 230 2.89 -26.34 -20.37
CA GLU B 230 2.18 -25.07 -20.55
C GLU B 230 2.79 -24.16 -21.63
N ALA B 231 4.13 -24.22 -21.80
CA ALA B 231 4.80 -23.48 -22.88
C ALA B 231 4.48 -24.07 -24.26
N ALA B 232 4.37 -25.40 -24.33
CA ALA B 232 3.95 -26.08 -25.55
C ALA B 232 2.50 -25.74 -25.91
N ARG B 233 1.61 -25.78 -24.91
CA ARG B 233 0.20 -25.40 -25.09
C ARG B 233 0.07 -23.97 -25.62
N LEU B 234 0.90 -23.05 -25.12
CA LEU B 234 0.91 -21.65 -25.59
C LEU B 234 1.78 -21.42 -26.84
N GLY B 235 2.49 -22.45 -27.31
CA GLY B 235 3.35 -22.35 -28.49
C GLY B 235 4.62 -21.54 -28.28
N LEU B 236 4.97 -21.26 -27.02
CA LEU B 236 6.14 -20.44 -26.70
C LEU B 236 7.41 -21.28 -26.85
N ALA B 237 7.94 -21.32 -28.06
CA ALA B 237 9.19 -22.02 -28.37
C ALA B 237 10.41 -21.38 -27.70
N ASN B 238 10.30 -20.10 -27.37
CA ASN B 238 11.39 -19.36 -26.70
C ASN B 238 11.43 -19.51 -25.17
N ALA B 239 10.63 -20.43 -24.60
CA ALA B 239 10.61 -20.71 -23.17
C ALA B 239 10.91 -22.18 -22.92
N THR B 240 11.96 -22.46 -22.15
CA THR B 240 12.28 -23.83 -21.73
C THR B 240 12.48 -23.88 -20.23
N PHE B 241 12.47 -25.11 -19.69
CA PHE B 241 12.56 -25.33 -18.25
C PHE B 241 13.52 -26.47 -17.94
N GLU B 242 14.29 -26.31 -16.87
CA GLU B 242 15.31 -27.29 -16.47
C GLU B 242 15.24 -27.52 -14.99
N ARG B 243 15.32 -28.80 -14.58
CA ARG B 243 15.38 -29.13 -13.17
C ARG B 243 16.82 -29.07 -12.68
N HIS B 244 17.07 -28.21 -11.69
CA HIS B 244 18.37 -28.15 -11.02
C HIS B 244 18.18 -27.67 -9.60
N ASP B 245 19.05 -28.10 -8.72
CA ASP B 245 19.15 -27.50 -7.39
C ASP B 245 20.04 -26.26 -7.60
N LEU B 246 19.55 -25.11 -7.14
CA LEU B 246 20.25 -23.82 -7.38
C LEU B 246 21.65 -23.74 -6.79
N ALA B 247 21.92 -24.52 -5.73
CA ALA B 247 23.25 -24.58 -5.12
C ALA B 247 24.28 -25.37 -5.91
N GLU B 248 23.87 -26.14 -6.89
CA GLU B 248 24.80 -26.97 -7.67
C GLU B 248 24.49 -26.84 -9.16
N LEU B 249 25.18 -25.90 -9.79
CA LEU B 249 24.99 -25.58 -11.20
C LEU B 249 26.32 -25.62 -11.93
N ASP B 250 26.28 -25.93 -13.22
CA ASP B 250 27.45 -25.88 -14.08
C ASP B 250 27.37 -24.77 -15.15
N LYS B 251 26.47 -23.79 -14.95
CA LYS B 251 26.25 -22.71 -15.91
C LYS B 251 27.39 -21.72 -15.84
N VAL B 252 28.05 -21.49 -16.97
CA VAL B 252 29.17 -20.56 -17.03
C VAL B 252 28.97 -19.61 -18.20
N GLY B 253 28.81 -18.32 -17.91
CA GLY B 253 28.53 -17.31 -18.94
C GLY B 253 27.45 -17.73 -19.91
N ALA B 254 26.34 -18.25 -19.39
CA ALA B 254 25.23 -18.75 -20.18
C ALA B 254 24.13 -17.71 -20.44
N TYR B 255 24.05 -16.69 -19.58
CA TYR B 255 22.91 -15.78 -19.57
C TYR B 255 23.36 -14.32 -19.51
N ASP B 256 22.65 -13.48 -20.28
CA ASP B 256 22.81 -12.03 -20.23
C ASP B 256 22.06 -11.43 -19.03
N VAL B 257 20.97 -12.09 -18.65
CA VAL B 257 20.07 -11.63 -17.60
C VAL B 257 19.63 -12.81 -16.76
N ILE B 258 19.72 -12.66 -15.45
CA ILE B 258 19.16 -13.64 -14.53
C ILE B 258 18.22 -12.90 -13.59
N THR B 259 17.01 -13.43 -13.45
CA THR B 259 16.05 -12.97 -12.47
C THR B 259 15.92 -13.99 -11.33
N VAL B 260 15.76 -13.49 -10.11
CA VAL B 260 15.43 -14.35 -8.99
C VAL B 260 14.38 -13.66 -8.12
N PHE B 261 13.16 -14.19 -8.20
CA PHE B 261 12.00 -13.58 -7.55
C PHE B 261 11.70 -14.26 -6.21
N ASP B 262 12.20 -13.64 -5.14
CA ASP B 262 11.97 -14.10 -3.75
C ASP B 262 12.43 -15.55 -3.43
N ALA B 263 13.45 -16.06 -4.13
CA ALA B 263 13.94 -17.43 -3.92
C ALA B 263 15.18 -17.52 -3.02
N ILE B 264 15.96 -16.45 -2.91
CA ILE B 264 17.26 -16.51 -2.25
C ILE B 264 17.16 -16.75 -0.74
N HIS B 265 16.28 -16.02 -0.08
CA HIS B 265 16.28 -16.02 1.39
C HIS B 265 15.89 -17.37 2.03
N ASP B 266 15.11 -18.22 1.34
CA ASP B 266 14.79 -19.57 1.86
C ASP B 266 15.79 -20.69 1.45
N GLN B 267 16.86 -20.35 0.74
CA GLN B 267 17.84 -21.34 0.30
C GLN B 267 18.60 -21.97 1.47
N ALA B 268 19.00 -23.23 1.30
CA ALA B 268 19.96 -23.85 2.22
C ALA B 268 21.32 -23.15 2.15
N GLN B 269 21.78 -22.81 0.95
CA GLN B 269 23.12 -22.24 0.75
C GLN B 269 23.04 -20.98 -0.10
N PRO B 270 22.44 -19.91 0.46
CA PRO B 270 22.24 -18.71 -0.36
C PRO B 270 23.51 -18.08 -0.95
N ALA B 271 24.60 -18.08 -0.18
CA ALA B 271 25.88 -17.53 -0.64
C ALA B 271 26.38 -18.31 -1.85
N ARG B 272 26.26 -19.64 -1.80
CA ARG B 272 26.61 -20.48 -2.95
C ARG B 272 25.70 -20.23 -4.14
N VAL B 273 24.39 -20.05 -3.92
CA VAL B 273 23.47 -19.74 -5.01
C VAL B 273 23.88 -18.43 -5.71
N LEU B 274 24.22 -17.42 -4.92
CA LEU B 274 24.66 -16.13 -5.46
C LEU B 274 26.00 -16.24 -6.23
N GLN B 275 26.92 -17.07 -5.72
CA GLN B 275 28.16 -17.38 -6.45
C GLN B 275 27.84 -18.04 -7.77
N ASN B 276 26.91 -19.01 -7.78
CA ASN B 276 26.50 -19.67 -9.01
C ASN B 276 25.87 -18.73 -10.01
N ILE B 277 25.07 -17.79 -9.50
CA ILE B 277 24.49 -16.75 -10.37
C ILE B 277 25.57 -15.92 -11.02
N TYR B 278 26.52 -15.44 -10.23
CA TYR B 278 27.62 -14.64 -10.75
C TYR B 278 28.38 -15.38 -11.86
N ARG B 279 28.71 -16.65 -11.61
N ARG B 279 28.70 -16.65 -11.59
CA ARG B 279 29.40 -17.47 -12.60
CA ARG B 279 29.37 -17.51 -12.56
C ARG B 279 28.55 -17.70 -13.85
C ARG B 279 28.55 -17.69 -13.83
N ALA B 280 27.24 -17.89 -13.66
CA ALA B 280 26.33 -18.13 -14.78
C ALA B 280 26.12 -16.92 -15.72
N LEU B 281 26.35 -15.71 -15.19
CA LEU B 281 26.23 -14.48 -15.99
C LEU B 281 27.45 -14.27 -16.88
N ARG B 282 27.18 -13.79 -18.09
CA ARG B 282 28.24 -13.31 -18.96
C ARG B 282 28.78 -11.99 -18.40
N PRO B 283 30.06 -11.67 -18.67
CA PRO B 283 30.59 -10.33 -18.33
C PRO B 283 29.67 -9.24 -18.91
N GLY B 284 29.39 -8.19 -18.15
CA GLY B 284 28.41 -7.16 -18.56
C GLY B 284 26.95 -7.53 -18.31
N GLY B 285 26.68 -8.74 -17.80
CA GLY B 285 25.30 -9.18 -17.56
C GLY B 285 24.71 -8.58 -16.28
N VAL B 286 23.45 -8.88 -16.04
CA VAL B 286 22.72 -8.32 -14.91
C VAL B 286 21.86 -9.34 -14.19
N LEU B 287 21.92 -9.28 -12.86
CA LEU B 287 21.03 -10.02 -11.99
C LEU B 287 19.99 -9.04 -11.46
N LEU B 288 18.72 -9.40 -11.63
CA LEU B 288 17.61 -8.74 -10.91
C LEU B 288 17.13 -9.69 -9.83
N MET B 289 17.47 -9.37 -8.60
CA MET B 289 17.08 -10.17 -7.45
C MET B 289 16.02 -9.39 -6.70
N VAL B 290 14.83 -9.96 -6.64
CA VAL B 290 13.72 -9.36 -5.92
C VAL B 290 13.62 -10.08 -4.59
N ASP B 291 13.77 -9.28 -3.49
CA ASP B 291 13.62 -9.89 -2.17
C ASP B 291 13.12 -8.88 -1.13
N ILE B 292 12.75 -9.47 0.03
CA ILE B 292 11.86 -8.81 0.98
C ILE B 292 12.46 -7.52 1.50
N LYS B 293 11.65 -6.47 1.45
CA LYS B 293 12.03 -5.15 1.93
C LYS B 293 11.92 -5.13 3.45
N ALA B 294 13.08 -5.04 4.09
CA ALA B 294 13.18 -4.89 5.52
C ALA B 294 14.61 -4.54 5.85
N SER B 295 14.83 -4.16 7.10
CA SER B 295 16.17 -3.91 7.63
C SER B 295 16.72 -5.19 8.21
N SER B 296 18.03 -5.36 8.08
CA SER B 296 18.73 -6.41 8.82
C SER B 296 18.83 -6.12 10.33
N GLN B 297 18.52 -4.89 10.74
CA GLN B 297 18.51 -4.52 12.15
C GLN B 297 17.08 -4.50 12.70
N LEU B 298 16.82 -5.35 13.69
CA LEU B 298 15.48 -5.55 14.26
C LEU B 298 14.81 -4.23 14.64
N GLU B 299 15.56 -3.38 15.32
CA GLU B 299 15.00 -2.09 15.80
C GLU B 299 14.36 -1.27 14.70
N ASP B 300 14.89 -1.35 13.47
CA ASP B 300 14.35 -0.58 12.35
C ASP B 300 13.01 -1.09 11.87
N ASN B 301 12.72 -2.37 12.11
CA ASN B 301 11.48 -2.99 11.63
C ASN B 301 10.27 -2.78 12.56
N VAL B 302 10.53 -2.40 13.81
CA VAL B 302 9.48 -2.19 14.83
C VAL B 302 8.60 -1.02 14.39
N GLY B 303 7.30 -1.27 14.27
CA GLY B 303 6.35 -0.27 13.79
C GLY B 303 6.17 -0.14 12.29
N VAL B 304 6.89 -0.93 11.48
CA VAL B 304 6.63 -0.95 10.04
C VAL B 304 5.53 -1.98 9.82
N PRO B 305 4.48 -1.61 9.06
CA PRO B 305 3.42 -2.59 8.80
C PRO B 305 3.94 -3.85 8.11
N LEU B 306 3.33 -4.98 8.47
CA LEU B 306 3.70 -6.32 8.01
C LEU B 306 5.00 -6.90 8.59
N SER B 307 5.70 -6.18 9.47
CA SER B 307 6.91 -6.74 10.07
C SER B 307 6.64 -8.01 10.88
N THR B 308 5.60 -8.02 11.71
CA THR B 308 5.31 -9.19 12.54
C THR B 308 4.91 -10.38 11.67
N TYR B 309 4.12 -10.10 10.63
CA TYR B 309 3.79 -11.08 9.59
C TYR B 309 5.08 -11.68 8.97
N LEU B 310 6.05 -10.82 8.63
CA LEU B 310 7.31 -11.27 8.03
C LEU B 310 8.14 -12.15 8.99
N TYR B 311 8.29 -11.74 10.26
CA TYR B 311 8.98 -12.56 11.24
C TYR B 311 8.24 -13.87 11.51
N THR B 312 6.91 -13.85 11.49
CA THR B 312 6.12 -15.06 11.79
C THR B 312 6.19 -16.05 10.65
N THR B 313 6.05 -15.57 9.41
CA THR B 313 6.20 -16.43 8.23
C THR B 313 7.64 -16.95 8.10
N SER B 314 8.62 -16.17 8.53
CA SER B 314 10.00 -16.60 8.56
C SER B 314 10.16 -17.77 9.54
N LEU B 315 9.83 -17.54 10.80
CA LEU B 315 9.93 -18.54 11.84
C LEU B 315 9.28 -19.87 11.45
N MET B 316 8.08 -19.76 10.88
CA MET B 316 7.23 -20.91 10.68
C MET B 316 7.27 -21.44 9.26
N HIS B 317 8.06 -20.82 8.39
CA HIS B 317 8.27 -21.34 7.04
C HIS B 317 9.67 -21.07 6.47
N CSD B 318 9.96 -19.83 6.08
CA CSD B 318 11.15 -19.57 5.26
CB CSD B 318 11.18 -18.13 4.73
SG CSD B 318 10.00 -17.94 3.55
C CSD B 318 12.44 -19.93 5.96
O CSD B 318 13.34 -20.49 5.34
OD1 CSD B 318 8.73 -17.76 4.19
OD2 CSD B 318 10.23 -16.82 2.67
N MET B 319 12.53 -19.62 7.25
CA MET B 319 13.69 -20.01 8.04
C MET B 319 13.76 -21.52 8.27
N THR B 320 12.63 -22.10 8.67
CA THR B 320 12.61 -23.51 9.08
C THR B 320 12.86 -24.47 7.92
N VAL B 321 12.37 -24.17 6.72
CA VAL B 321 12.65 -25.03 5.54
C VAL B 321 14.16 -25.08 5.22
N SER B 322 14.84 -23.94 5.37
CA SER B 322 16.28 -23.88 5.17
C SER B 322 17.02 -24.66 6.26
N LEU B 323 16.62 -24.47 7.51
CA LEU B 323 17.20 -25.22 8.62
C LEU B 323 16.96 -26.74 8.54
N ALA B 324 15.85 -27.16 7.95
CA ALA B 324 15.60 -28.60 7.72
C ALA B 324 16.72 -29.26 6.90
N LEU B 325 17.28 -28.50 5.95
CA LEU B 325 18.36 -28.94 5.08
C LEU B 325 19.76 -28.63 5.67
N ASP B 326 19.82 -28.34 6.97
CA ASP B 326 21.05 -27.88 7.62
C ASP B 326 21.62 -26.64 6.91
N GLY B 327 20.71 -25.74 6.58
CA GLY B 327 20.99 -24.56 5.75
C GLY B 327 21.25 -23.35 6.58
N ALA B 328 21.39 -22.22 5.89
CA ALA B 328 21.78 -20.97 6.51
C ALA B 328 20.70 -20.36 7.42
N GLY B 329 19.44 -20.62 7.11
CA GLY B 329 18.31 -20.10 7.87
C GLY B 329 18.32 -18.60 8.03
N LEU B 330 18.58 -17.88 6.94
CA LEU B 330 18.65 -16.41 7.01
C LEU B 330 17.27 -15.82 7.29
N GLY B 331 16.23 -16.49 6.79
CA GLY B 331 14.86 -16.08 7.01
C GLY B 331 14.41 -14.95 6.11
N THR B 332 13.10 -14.70 6.17
CA THR B 332 12.42 -13.69 5.38
C THR B 332 12.94 -12.26 5.63
N VAL B 333 13.41 -12.00 6.85
CA VAL B 333 13.81 -10.64 7.27
C VAL B 333 15.33 -10.50 7.26
N TRP B 334 16.00 -11.27 6.39
CA TRP B 334 17.46 -11.15 6.24
C TRP B 334 17.91 -9.69 6.03
N GLY B 335 17.16 -8.98 5.21
CA GLY B 335 17.22 -7.52 5.17
C GLY B 335 18.16 -6.92 4.14
N ARG B 336 17.96 -5.64 3.89
CA ARG B 336 18.67 -4.91 2.85
C ARG B 336 20.18 -4.90 3.03
N GLN B 337 20.64 -4.69 4.26
CA GLN B 337 22.07 -4.59 4.51
C GLN B 337 22.78 -5.93 4.27
N LEU B 338 22.17 -7.02 4.74
CA LEU B 338 22.76 -8.35 4.51
C LEU B 338 22.68 -8.76 3.04
N ALA B 339 21.55 -8.50 2.41
CA ALA B 339 21.39 -8.80 0.98
C ALA B 339 22.46 -8.10 0.15
N THR B 340 22.70 -6.82 0.45
CA THR B 340 23.66 -6.05 -0.33
C THR B 340 25.08 -6.51 -0.07
N SER B 341 25.41 -6.83 1.17
CA SER B 341 26.75 -7.31 1.48
C SER B 341 27.00 -8.72 0.89
N MET B 342 25.98 -9.58 0.86
CA MET B 342 26.10 -10.91 0.22
C MET B 342 26.24 -10.83 -1.30
N LEU B 343 25.53 -9.90 -1.93
CA LEU B 343 25.77 -9.60 -3.34
C LEU B 343 27.23 -9.18 -3.60
N ALA B 344 27.76 -8.30 -2.73
CA ALA B 344 29.18 -7.89 -2.79
C ALA B 344 30.11 -9.09 -2.66
N ASP B 345 29.84 -9.95 -1.67
CA ASP B 345 30.63 -11.18 -1.44
C ASP B 345 30.69 -12.09 -2.67
N ALA B 346 29.60 -12.16 -3.43
CA ALA B 346 29.53 -13.00 -4.63
C ALA B 346 30.19 -12.37 -5.86
N GLY B 347 30.68 -11.13 -5.75
CA GLY B 347 31.43 -10.46 -6.82
C GLY B 347 30.69 -9.31 -7.50
N PHE B 348 29.45 -9.06 -7.11
CA PHE B 348 28.72 -7.94 -7.70
C PHE B 348 29.23 -6.66 -7.04
N THR B 349 30.08 -5.92 -7.74
CA THR B 349 30.58 -4.61 -7.26
C THR B 349 29.68 -3.44 -7.66
N ASP B 350 28.63 -3.71 -8.45
CA ASP B 350 27.74 -2.66 -8.95
C ASP B 350 26.30 -3.04 -8.62
N VAL B 351 25.76 -2.46 -7.53
CA VAL B 351 24.44 -2.84 -6.98
C VAL B 351 23.61 -1.61 -6.66
N THR B 352 22.36 -1.61 -7.12
CA THR B 352 21.39 -0.57 -6.79
C THR B 352 20.13 -1.25 -6.29
N VAL B 353 19.41 -0.56 -5.42
CA VAL B 353 18.20 -1.09 -4.78
C VAL B 353 17.05 -0.21 -5.25
N ALA B 354 16.10 -0.82 -5.96
CA ALA B 354 14.94 -0.10 -6.47
C ALA B 354 13.70 -0.54 -5.71
N GLU B 355 12.66 0.29 -5.82
CA GLU B 355 11.35 0.01 -5.26
C GLU B 355 10.30 0.39 -6.27
N ILE B 356 9.16 -0.29 -6.22
CA ILE B 356 8.00 0.05 -7.04
C ILE B 356 6.75 0.17 -6.16
N GLU B 357 5.83 1.04 -6.57
CA GLU B 357 4.59 1.30 -5.80
C GLU B 357 3.67 0.10 -5.68
N SER B 358 3.62 -0.71 -6.74
CA SER B 358 2.77 -1.91 -6.76
C SER B 358 3.23 -3.09 -5.90
N ASP B 359 4.41 -2.96 -5.25
CA ASP B 359 4.98 -4.05 -4.45
C ASP B 359 5.72 -3.52 -3.23
N VAL B 360 4.97 -3.25 -2.16
CA VAL B 360 5.51 -2.71 -0.90
C VAL B 360 6.39 -3.71 -0.13
N LEU B 361 6.20 -5.01 -0.38
CA LEU B 361 6.94 -6.03 0.36
C LEU B 361 8.38 -6.27 -0.11
N ASN B 362 8.74 -5.86 -1.32
CA ASN B 362 10.03 -6.24 -1.90
C ASN B 362 10.91 -5.11 -2.34
N ASN B 363 12.21 -5.25 -2.06
CA ASN B 363 13.26 -4.50 -2.74
C ASN B 363 13.64 -5.18 -4.05
N TYR B 364 14.01 -4.34 -5.03
CA TYR B 364 14.43 -4.78 -6.36
C TYR B 364 15.91 -4.51 -6.50
N TYR B 365 16.73 -5.55 -6.28
CA TYR B 365 18.19 -5.41 -6.29
C TYR B 365 18.68 -5.62 -7.71
N ILE B 366 19.41 -4.63 -8.22
CA ILE B 366 19.94 -4.67 -9.59
C ILE B 366 21.44 -4.79 -9.48
N ALA B 367 21.96 -5.96 -9.85
CA ALA B 367 23.36 -6.30 -9.60
C ALA B 367 24.03 -6.60 -10.92
N ARG B 368 25.04 -5.81 -11.28
CA ARG B 368 25.68 -5.93 -12.58
C ARG B 368 27.04 -6.59 -12.43
N LYS B 369 27.38 -7.45 -13.38
CA LYS B 369 28.69 -8.07 -13.47
C LYS B 369 29.54 -7.25 -14.44
N LEU B 370 30.75 -6.87 -14.03
CA LEU B 370 31.61 -6.02 -14.87
C LEU B 370 31.94 -6.69 -16.20
N GLU B 371 32.16 -5.89 -17.25
CA GLU B 371 32.46 -6.47 -18.57
C GLU B 371 33.91 -7.00 -18.64
N HIS B 372 34.80 -6.51 -17.78
CA HIS B 372 36.22 -6.95 -17.71
C HIS B 372 36.84 -7.21 -19.09
N MET C 21 -16.49 8.50 8.57
CA MET C 21 -16.40 7.58 7.39
C MET C 21 -14.97 7.05 7.21
N GLU C 22 -14.83 5.73 7.24
CA GLU C 22 -13.55 5.07 7.01
C GLU C 22 -13.21 5.09 5.52
N THR C 23 -11.99 5.54 5.21
CA THR C 23 -11.50 5.55 3.83
C THR C 23 -10.87 4.21 3.45
N THR C 24 -10.69 4.00 2.13
CA THR C 24 -10.02 2.80 1.60
C THR C 24 -8.62 2.61 2.19
N GLU C 25 -7.88 3.72 2.33
CA GLU C 25 -6.55 3.70 2.96
C GLU C 25 -6.61 3.29 4.42
N GLU C 26 -7.58 3.86 5.14
CA GLU C 26 -7.78 3.55 6.56
C GLU C 26 -8.17 2.09 6.76
N PHE C 27 -8.98 1.56 5.86
CA PHE C 27 -9.34 0.14 5.95
C PHE C 27 -8.14 -0.74 5.63
N GLY C 28 -7.41 -0.36 4.57
CA GLY C 28 -6.16 -1.01 4.22
C GLY C 28 -5.24 -1.17 5.41
N ASN C 29 -4.96 -0.05 6.07
CA ASN C 29 -4.15 -0.04 7.28
C ASN C 29 -4.70 -0.88 8.43
N ARG C 30 -6.03 -0.86 8.61
CA ARG C 30 -6.65 -1.64 9.68
C ARG C 30 -6.50 -3.14 9.41
N PHE C 31 -6.75 -3.57 8.17
CA PHE C 31 -6.67 -5.00 7.87
C PHE C 31 -5.23 -5.51 7.89
N VAL C 32 -4.27 -4.72 7.41
CA VAL C 32 -2.86 -5.06 7.57
C VAL C 32 -2.49 -5.16 9.04
N ALA C 33 -2.99 -4.26 9.89
CA ALA C 33 -2.77 -4.40 11.33
C ALA C 33 -3.36 -5.71 11.88
N ALA C 34 -4.50 -6.14 11.34
CA ALA C 34 -5.11 -7.42 11.76
C ALA C 34 -4.24 -8.62 11.37
N ILE C 35 -3.67 -8.56 10.17
CA ILE C 35 -2.71 -9.58 9.70
C ILE C 35 -1.51 -9.69 10.66
N ASP C 36 -0.91 -8.56 11.00
CA ASP C 36 0.17 -8.55 11.99
C ASP C 36 -0.26 -9.09 13.34
N SER C 37 -1.48 -8.73 13.78
CA SER C 37 -2.01 -9.24 15.06
C SER C 37 -2.22 -10.74 15.06
N ALA C 38 -2.73 -11.27 13.94
CA ALA C 38 -2.89 -12.72 13.75
C ALA C 38 -1.56 -13.43 13.88
N GLY C 39 -0.54 -12.87 13.24
CA GLY C 39 0.83 -13.38 13.40
C GLY C 39 1.29 -13.35 14.85
N LEU C 40 1.07 -12.21 15.51
CA LEU C 40 1.45 -12.05 16.91
C LEU C 40 0.74 -13.09 17.81
N ALA C 41 -0.55 -13.33 17.55
CA ALA C 41 -1.27 -14.35 18.29
C ALA C 41 -0.61 -15.71 18.17
N ILE C 42 -0.22 -16.08 16.97
CA ILE C 42 0.48 -17.35 16.77
C ILE C 42 1.82 -17.37 17.54
N LEU C 43 2.58 -16.29 17.48
CA LEU C 43 3.84 -16.20 18.21
C LEU C 43 3.60 -16.38 19.72
N VAL C 44 2.55 -15.75 20.22
CA VAL C 44 2.22 -15.90 21.64
C VAL C 44 1.84 -17.35 21.98
N SER C 45 1.06 -18.01 21.11
CA SER C 45 0.80 -19.44 21.26
C SER C 45 2.07 -20.30 21.34
N VAL C 46 2.99 -20.05 20.40
CA VAL C 46 4.29 -20.72 20.41
C VAL C 46 5.06 -20.45 21.70
N GLY C 47 5.08 -19.20 22.15
CA GLY C 47 5.77 -18.82 23.38
C GLY C 47 5.22 -19.48 24.64
N HIS C 48 3.92 -19.78 24.62
CA HIS C 48 3.28 -20.50 25.71
C HIS C 48 3.69 -21.97 25.67
N GLN C 49 3.54 -22.61 24.52
CA GLN C 49 3.80 -24.03 24.38
C GLN C 49 5.28 -24.41 24.49
N THR C 50 6.17 -23.45 24.20
CA THR C 50 7.60 -23.69 24.34
C THR C 50 8.13 -23.40 25.73
N GLY C 51 7.37 -22.65 26.54
CA GLY C 51 7.88 -22.18 27.83
C GLY C 51 8.70 -20.89 27.77
N LEU C 52 8.85 -20.30 26.59
CA LEU C 52 9.62 -19.05 26.44
C LEU C 52 9.08 -17.88 27.23
N LEU C 53 7.75 -17.72 27.28
CA LEU C 53 7.17 -16.60 28.02
C LEU C 53 7.44 -16.78 29.53
N ASP C 54 7.28 -18.00 30.03
CA ASP C 54 7.59 -18.33 31.43
C ASP C 54 9.06 -18.04 31.76
N THR C 55 9.94 -18.50 30.87
CA THR C 55 11.39 -18.28 31.02
C THR C 55 11.71 -16.79 31.09
N MET C 56 11.17 -15.99 30.16
CA MET C 56 11.45 -14.54 30.15
C MET C 56 10.89 -13.79 31.37
N ALA C 57 9.79 -14.29 31.94
CA ALA C 57 9.23 -13.72 33.17
C ALA C 57 10.19 -13.83 34.36
N GLY C 58 11.03 -14.87 34.37
CA GLY C 58 12.03 -15.07 35.42
C GLY C 58 13.44 -14.55 35.14
N LEU C 59 13.63 -13.81 34.04
CA LEU C 59 14.96 -13.33 33.65
C LEU C 59 15.02 -11.81 33.62
N PRO C 60 16.22 -11.23 33.85
CA PRO C 60 16.45 -9.83 33.52
C PRO C 60 16.69 -9.68 32.02
N PRO C 61 16.76 -8.44 31.51
CA PRO C 61 17.10 -8.24 30.10
C PRO C 61 18.28 -9.12 29.69
N ALA C 62 18.10 -9.89 28.62
CA ALA C 62 19.03 -10.94 28.23
C ALA C 62 19.12 -11.05 26.71
N THR C 63 20.22 -11.63 26.23
CA THR C 63 20.44 -11.82 24.80
C THR C 63 19.60 -13.01 24.32
N SER C 64 19.48 -13.15 23.00
CA SER C 64 18.77 -14.28 22.41
C SER C 64 19.39 -15.60 22.87
N MET C 65 20.72 -15.67 22.86
CA MET C 65 21.44 -16.84 23.33
C MET C 65 21.19 -17.14 24.81
N GLU C 66 21.18 -16.11 25.65
CA GLU C 66 20.91 -16.28 27.08
C GLU C 66 19.49 -16.80 27.32
N ILE C 67 18.53 -16.25 26.58
CA ILE C 67 17.14 -16.66 26.73
C ILE C 67 16.97 -18.10 26.28
N ALA C 68 17.53 -18.44 25.13
CA ALA C 68 17.48 -19.81 24.61
C ALA C 68 18.09 -20.83 25.59
N GLU C 69 19.25 -20.49 26.16
CA GLU C 69 19.92 -21.35 27.15
C GLU C 69 19.04 -21.57 28.38
N ALA C 70 18.48 -20.50 28.91
CA ALA C 70 17.59 -20.59 30.08
C ALA C 70 16.37 -21.46 29.78
N ALA C 71 15.83 -21.31 28.57
CA ALA C 71 14.62 -22.07 28.15
C ALA C 71 14.88 -23.51 27.74
N GLY C 72 16.15 -23.88 27.51
CA GLY C 72 16.49 -25.20 26.99
C GLY C 72 16.07 -25.40 25.53
N LEU C 73 16.15 -24.34 24.73
CA LEU C 73 15.67 -24.37 23.33
C LEU C 73 16.71 -23.88 22.34
N GLU C 74 16.44 -24.13 21.06
CA GLU C 74 17.37 -23.79 19.98
C GLU C 74 17.39 -22.30 19.70
N GLU C 75 18.58 -21.70 19.82
CA GLU C 75 18.70 -20.24 19.76
C GLU C 75 18.19 -19.63 18.46
N ARG C 76 18.38 -20.31 17.33
CA ARG C 76 17.97 -19.72 16.05
C ARG C 76 16.45 -19.50 15.99
N TYR C 77 15.70 -20.48 16.48
CA TYR C 77 14.23 -20.40 16.62
C TYR C 77 13.81 -19.32 17.62
N VAL C 78 14.47 -19.29 18.77
CA VAL C 78 14.24 -18.25 19.79
C VAL C 78 14.46 -16.84 19.21
N ARG C 79 15.55 -16.67 18.46
CA ARG C 79 15.87 -15.39 17.83
C ARG C 79 14.77 -14.89 16.91
N GLU C 80 14.29 -15.75 16.01
CA GLU C 80 13.25 -15.34 15.07
C GLU C 80 11.92 -15.03 15.78
N TRP C 81 11.56 -15.86 16.74
CA TRP C 81 10.41 -15.63 17.64
C TRP C 81 10.50 -14.25 18.35
N LEU C 82 11.63 -13.99 19.00
CA LEU C 82 11.89 -12.70 19.66
C LEU C 82 11.71 -11.53 18.71
N GLY C 83 12.14 -11.70 17.46
CA GLY C 83 11.96 -10.68 16.43
C GLY C 83 10.52 -10.25 16.22
N GLY C 84 9.66 -11.23 16.00
CA GLY C 84 8.24 -10.98 15.81
C GLY C 84 7.55 -10.47 17.08
N MET C 85 7.96 -11.00 18.23
CA MET C 85 7.43 -10.53 19.52
C MET C 85 7.81 -9.08 19.81
N THR C 86 8.98 -8.67 19.30
CA THR C 86 9.44 -7.27 19.40
C THR C 86 8.71 -6.36 18.44
N THR C 87 8.55 -6.76 17.17
CA THR C 87 7.80 -5.94 16.23
C THR C 87 6.31 -5.86 16.61
N GLY C 88 5.78 -6.89 17.25
CA GLY C 88 4.42 -6.85 17.79
C GLY C 88 4.27 -6.08 19.10
N GLN C 89 5.38 -5.59 19.65
CA GLN C 89 5.41 -4.75 20.87
C GLN C 89 4.87 -5.47 22.11
N ILE C 90 5.33 -6.70 22.28
CA ILE C 90 5.20 -7.43 23.54
C ILE C 90 6.56 -7.53 24.20
N VAL C 91 7.53 -8.07 23.46
CA VAL C 91 8.93 -8.10 23.91
C VAL C 91 9.56 -6.75 23.58
N GLU C 92 10.43 -6.27 24.48
CA GLU C 92 11.11 -4.98 24.30
C GLU C 92 12.57 -5.31 24.00
N TYR C 93 13.15 -4.57 23.05
CA TYR C 93 14.52 -4.85 22.56
C TYR C 93 15.37 -3.59 22.68
N ASP C 94 16.56 -3.75 23.25
CA ASP C 94 17.57 -2.69 23.27
C ASP C 94 18.68 -3.04 22.27
N ALA C 95 18.75 -2.30 21.17
CA ALA C 95 19.74 -2.56 20.11
C ALA C 95 21.20 -2.35 20.56
N GLY C 96 21.43 -1.42 21.50
CA GLY C 96 22.77 -1.19 22.03
C GLY C 96 23.43 -2.39 22.67
N SER C 97 22.67 -3.12 23.48
CA SER C 97 23.16 -4.31 24.17
C SER C 97 22.70 -5.64 23.55
N SER C 98 21.85 -5.57 22.52
CA SER C 98 21.21 -6.76 21.95
C SER C 98 20.47 -7.60 23.01
N THR C 99 19.76 -6.91 23.92
CA THR C 99 19.00 -7.60 24.97
C THR C 99 17.50 -7.42 24.81
N TYR C 100 16.77 -8.45 25.23
CA TYR C 100 15.31 -8.50 25.14
C TYR C 100 14.74 -8.70 26.53
N SER C 101 13.56 -8.14 26.76
CA SER C 101 12.85 -8.28 28.03
C SER C 101 11.35 -8.39 27.79
N LEU C 102 10.67 -9.13 28.66
CA LEU C 102 9.21 -9.22 28.67
C LEU C 102 8.74 -8.41 29.87
N PRO C 103 8.19 -7.19 29.65
CA PRO C 103 7.82 -6.38 30.80
C PRO C 103 6.78 -7.04 31.69
N ALA C 104 6.87 -6.77 32.99
CA ALA C 104 6.06 -7.44 34.02
C ALA C 104 4.57 -7.36 33.76
N HIS C 105 4.11 -6.18 33.32
CA HIS C 105 2.70 -5.94 33.10
C HIS C 105 2.11 -6.81 31.98
N ARG C 106 2.97 -7.21 31.03
CA ARG C 106 2.58 -8.15 29.97
C ARG C 106 2.81 -9.59 30.42
N ALA C 107 3.93 -9.84 31.09
CA ALA C 107 4.27 -11.17 31.60
C ALA C 107 3.19 -11.74 32.51
N GLY C 108 2.58 -10.86 33.32
CA GLY C 108 1.51 -11.23 34.24
C GLY C 108 0.30 -11.93 33.63
N MET C 109 0.00 -11.67 32.37
CA MET C 109 -1.16 -12.31 31.74
C MET C 109 -0.81 -13.20 30.54
N LEU C 110 0.46 -13.57 30.44
CA LEU C 110 0.94 -14.41 29.35
C LEU C 110 1.69 -15.65 29.84
N THR C 111 1.64 -15.93 31.15
CA THR C 111 2.47 -16.97 31.77
C THR C 111 1.66 -17.90 32.64
N ARG C 112 2.20 -19.10 32.86
CA ARG C 112 1.53 -20.15 33.66
C ARG C 112 1.33 -19.74 35.11
N ALA C 113 2.15 -18.80 35.61
CA ALA C 113 1.92 -18.17 36.92
C ALA C 113 0.49 -17.58 37.08
N ALA C 114 -0.09 -17.13 35.99
CA ALA C 114 -1.45 -16.58 35.99
C ALA C 114 -2.58 -17.62 35.95
N GLY C 115 -2.25 -18.91 35.86
CA GLY C 115 -3.27 -19.94 35.82
C GLY C 115 -4.32 -19.72 34.75
N PRO C 116 -5.63 -19.76 35.12
CA PRO C 116 -6.67 -19.56 34.10
C PRO C 116 -6.80 -18.11 33.59
N ASP C 117 -6.08 -17.16 34.20
CA ASP C 117 -6.00 -15.80 33.64
C ASP C 117 -4.88 -15.62 32.61
N ASN C 118 -4.17 -16.71 32.28
CA ASN C 118 -3.14 -16.68 31.24
C ASN C 118 -3.78 -16.57 29.86
N LEU C 119 -3.75 -15.36 29.30
CA LEU C 119 -4.33 -15.13 27.98
C LEU C 119 -3.58 -15.82 26.83
N ALA C 120 -2.32 -16.18 27.06
CA ALA C 120 -1.56 -16.91 26.02
C ALA C 120 -2.20 -18.25 25.69
N VAL C 121 -2.92 -18.83 26.65
CA VAL C 121 -3.62 -20.09 26.45
C VAL C 121 -4.63 -19.96 25.31
N ILE C 122 -5.35 -18.84 25.26
CA ILE C 122 -6.39 -18.58 24.24
C ILE C 122 -5.79 -18.45 22.85
N ALA C 123 -4.59 -17.87 22.78
CA ALA C 123 -3.87 -17.74 21.50
C ALA C 123 -3.72 -19.08 20.79
N GLN C 124 -3.57 -20.15 21.56
CA GLN C 124 -3.47 -21.50 20.98
C GLN C 124 -4.62 -21.86 20.05
N PHE C 125 -5.80 -21.32 20.33
CA PHE C 125 -6.96 -21.57 19.47
C PHE C 125 -6.85 -21.03 18.05
N VAL C 126 -5.97 -20.08 17.80
CA VAL C 126 -5.78 -19.56 16.46
C VAL C 126 -5.28 -20.66 15.53
N SER C 127 -4.23 -21.37 15.94
CA SER C 127 -3.70 -22.47 15.13
C SER C 127 -4.64 -23.64 15.14
N LEU C 128 -5.30 -23.91 16.27
CA LEU C 128 -6.27 -25.01 16.31
C LEU C 128 -7.43 -24.83 15.33
N LEU C 129 -7.94 -23.61 15.21
CA LEU C 129 -8.97 -23.31 14.19
C LEU C 129 -8.39 -23.30 12.78
N GLY C 130 -7.17 -22.80 12.64
CA GLY C 130 -6.45 -22.83 11.36
C GLY C 130 -6.27 -24.23 10.80
N GLU C 131 -5.94 -25.19 11.67
CA GLU C 131 -5.82 -26.61 11.31
C GLU C 131 -7.07 -27.20 10.64
N VAL C 132 -8.25 -26.62 10.85
CA VAL C 132 -9.48 -27.16 10.25
C VAL C 132 -10.09 -26.28 9.18
N GLU C 133 -9.40 -25.20 8.82
CA GLU C 133 -9.96 -24.26 7.87
C GLU C 133 -10.41 -24.92 6.55
N GLN C 134 -9.56 -25.76 5.98
CA GLN C 134 -9.86 -26.40 4.70
C GLN C 134 -11.04 -27.35 4.82
N LYS C 135 -11.11 -28.14 5.89
CA LYS C 135 -12.26 -29.03 6.13
C LYS C 135 -13.56 -28.22 6.33
N VAL C 136 -13.48 -27.09 7.04
CA VAL C 136 -14.65 -26.21 7.21
C VAL C 136 -15.08 -25.60 5.88
N ILE C 137 -14.14 -25.10 5.09
CA ILE C 137 -14.46 -24.53 3.77
C ILE C 137 -15.23 -25.54 2.90
N ARG C 138 -14.80 -26.80 2.92
CA ARG C 138 -15.48 -27.86 2.18
C ARG C 138 -16.96 -27.97 2.55
N CYS C 139 -17.28 -27.79 3.85
CA CYS C 139 -18.68 -27.81 4.31
C CYS C 139 -19.56 -26.65 3.82
N PHE C 140 -18.97 -25.49 3.54
CA PHE C 140 -19.70 -24.40 2.90
C PHE C 140 -20.27 -24.86 1.55
N ARG C 141 -19.49 -25.69 0.86
CA ARG C 141 -19.88 -26.23 -0.44
C ARG C 141 -20.77 -27.45 -0.31
N GLU C 142 -20.39 -28.39 0.56
CA GLU C 142 -21.01 -29.73 0.57
C GLU C 142 -21.98 -30.00 1.71
N GLY C 143 -22.15 -29.06 2.64
CA GLY C 143 -23.00 -29.29 3.81
C GLY C 143 -22.34 -30.22 4.80
N GLY C 144 -23.16 -30.85 5.64
CA GLY C 144 -22.67 -31.66 6.74
C GLY C 144 -21.86 -30.80 7.71
N GLY C 145 -20.87 -31.42 8.34
CA GLY C 145 -19.94 -30.70 9.19
C GLY C 145 -18.69 -31.48 9.45
N VAL C 146 -17.75 -30.87 10.16
CA VAL C 146 -16.53 -31.52 10.56
C VAL C 146 -16.82 -32.27 11.87
N PRO C 147 -16.62 -33.60 11.90
CA PRO C 147 -17.01 -34.37 13.10
C PRO C 147 -16.13 -34.10 14.32
N TYR C 148 -16.75 -34.27 15.48
CA TYR C 148 -16.11 -34.16 16.79
C TYR C 148 -14.74 -34.85 16.85
N SER C 149 -14.65 -36.05 16.27
CA SER C 149 -13.40 -36.83 16.26
C SER C 149 -12.19 -36.10 15.64
N GLU C 150 -12.43 -35.10 14.80
CA GLU C 150 -11.36 -34.34 14.16
C GLU C 150 -10.62 -33.33 15.05
N TYR C 151 -11.06 -33.13 16.29
CA TYR C 151 -10.53 -32.07 17.16
C TYR C 151 -9.95 -32.55 18.50
N PRO C 152 -9.08 -33.58 18.51
CA PRO C 152 -8.65 -34.09 19.83
C PRO C 152 -7.79 -33.10 20.63
N ARG C 153 -6.90 -32.37 19.95
CA ARG C 153 -6.06 -31.41 20.66
C ARG C 153 -6.89 -30.22 21.19
N PHE C 154 -7.83 -29.74 20.36
CA PHE C 154 -8.79 -28.68 20.74
C PHE C 154 -9.53 -29.09 22.03
N HIS C 155 -10.10 -30.28 22.02
CA HIS C 155 -10.85 -30.79 23.17
C HIS C 155 -10.01 -31.01 24.42
N LYS C 156 -8.78 -31.49 24.23
CA LYS C 156 -7.84 -31.65 25.35
C LYS C 156 -7.55 -30.32 26.02
N LEU C 157 -7.33 -29.28 25.21
CA LEU C 157 -7.05 -27.95 25.75
C LEU C 157 -8.26 -27.36 26.47
N MET C 158 -9.44 -27.47 25.87
N MET C 158 -9.44 -27.49 25.89
CA MET C 158 -10.69 -27.04 26.50
CA MET C 158 -10.69 -27.01 26.50
C MET C 158 -10.87 -27.68 27.88
C MET C 158 -10.93 -27.68 27.87
N ALA C 159 -10.66 -28.99 27.94
CA ALA C 159 -10.76 -29.74 29.21
C ALA C 159 -9.74 -29.29 30.25
N GLU C 160 -8.52 -28.99 29.81
CA GLU C 160 -7.48 -28.45 30.70
C GLU C 160 -7.87 -27.06 31.25
N MET C 161 -8.36 -26.17 30.38
CA MET C 161 -8.76 -24.83 30.82
C MET C 161 -9.93 -24.84 31.79
N SER C 162 -10.95 -25.64 31.45
CA SER C 162 -12.11 -25.75 32.31
C SER C 162 -11.73 -26.37 33.67
N GLY C 163 -10.80 -27.35 33.65
CA GLY C 163 -10.25 -27.92 34.85
C GLY C 163 -9.67 -26.87 35.80
N MET C 164 -8.87 -25.97 35.25
CA MET C 164 -8.29 -24.87 36.02
C MET C 164 -9.33 -23.91 36.59
N VAL C 165 -10.37 -23.62 35.79
CA VAL C 165 -11.47 -22.76 36.25
C VAL C 165 -12.32 -23.44 37.33
N PHE C 166 -12.63 -24.72 37.16
CA PHE C 166 -13.33 -25.46 38.20
C PHE C 166 -12.51 -25.45 39.50
N ASP C 167 -11.22 -25.82 39.43
CA ASP C 167 -10.36 -25.80 40.64
C ASP C 167 -10.37 -24.46 41.33
N ALA C 168 -10.36 -23.38 40.55
CA ALA C 168 -10.26 -22.03 41.11
C ALA C 168 -11.56 -21.49 41.66
N ALA C 169 -12.68 -21.93 41.10
CA ALA C 169 -13.94 -21.21 41.31
C ALA C 169 -15.21 -22.03 41.53
N LEU C 170 -15.22 -23.34 41.26
CA LEU C 170 -16.52 -24.06 41.25
C LEU C 170 -17.23 -24.04 42.60
N ILE C 171 -16.51 -24.43 43.63
CA ILE C 171 -17.08 -24.61 44.97
C ILE C 171 -17.36 -23.29 45.66
N ASP C 172 -16.40 -22.36 45.61
CA ASP C 172 -16.49 -21.14 46.39
C ASP C 172 -17.17 -19.98 45.67
N VAL C 173 -17.26 -20.01 44.33
CA VAL C 173 -17.77 -18.87 43.54
C VAL C 173 -19.02 -19.21 42.69
N VAL C 174 -18.96 -20.30 41.93
CA VAL C 174 -20.03 -20.64 41.00
C VAL C 174 -21.24 -21.24 41.70
N LEU C 175 -21.08 -22.30 42.48
CA LEU C 175 -22.25 -22.96 43.08
C LEU C 175 -23.00 -22.02 44.05
N PRO C 176 -22.29 -21.14 44.79
CA PRO C 176 -22.99 -20.19 45.64
C PRO C 176 -23.83 -19.15 44.92
N LEU C 177 -23.71 -18.99 43.60
CA LEU C 177 -24.66 -18.16 42.86
C LEU C 177 -26.10 -18.63 43.03
N VAL C 178 -26.29 -19.94 43.21
CA VAL C 178 -27.62 -20.51 43.31
C VAL C 178 -28.07 -20.44 44.77
N ASP C 179 -29.05 -19.58 45.05
CA ASP C 179 -29.47 -19.37 46.44
C ASP C 179 -29.87 -20.70 47.07
N GLY C 180 -29.31 -20.99 48.24
CA GLY C 180 -29.63 -22.21 48.98
C GLY C 180 -28.85 -23.46 48.55
N LEU C 181 -28.11 -23.39 47.44
CA LEU C 181 -27.48 -24.58 46.90
C LEU C 181 -26.36 -25.15 47.77
N PRO C 182 -25.40 -24.29 48.21
CA PRO C 182 -24.37 -24.84 49.09
C PRO C 182 -24.91 -25.59 50.35
N ASP C 183 -25.91 -25.02 51.03
CA ASP C 183 -26.52 -25.70 52.19
C ASP C 183 -27.21 -27.01 51.79
N ARG C 184 -27.85 -27.00 50.63
CA ARG C 184 -28.51 -28.16 50.07
C ARG C 184 -27.51 -29.30 49.82
N LEU C 185 -26.37 -28.95 49.23
CA LEU C 185 -25.29 -29.91 48.97
C LEU C 185 -24.61 -30.39 50.27
N ARG C 186 -24.43 -29.47 51.22
CA ARG C 186 -23.92 -29.83 52.56
C ARG C 186 -24.81 -30.81 53.31
N SER C 187 -26.13 -30.59 53.25
CA SER C 187 -27.11 -31.47 53.89
C SER C 187 -27.24 -32.80 53.20
N GLY C 188 -27.11 -32.79 51.87
CA GLY C 188 -27.08 -34.02 51.08
C GLY C 188 -28.14 -34.04 50.01
N ALA C 189 -27.69 -34.00 48.75
CA ALA C 189 -28.57 -33.99 47.60
C ALA C 189 -28.11 -35.00 46.56
N ASP C 190 -29.04 -35.41 45.72
CA ASP C 190 -28.76 -36.19 44.51
C ASP C 190 -28.47 -35.24 43.35
N VAL C 191 -27.26 -35.36 42.80
CA VAL C 191 -26.73 -34.38 41.87
C VAL C 191 -26.21 -35.09 40.63
N ALA C 192 -26.50 -34.52 39.47
CA ALA C 192 -25.96 -35.06 38.21
C ALA C 192 -25.30 -33.97 37.40
N ASP C 193 -24.13 -34.27 36.83
CA ASP C 193 -23.45 -33.35 35.94
C ASP C 193 -23.51 -33.93 34.53
N PHE C 194 -24.23 -33.24 33.64
CA PHE C 194 -24.47 -33.70 32.27
C PHE C 194 -23.33 -33.20 31.38
N GLY C 195 -22.67 -34.12 30.67
CA GLY C 195 -21.51 -33.81 29.85
C GLY C 195 -20.31 -33.62 30.73
N CYS C 196 -20.06 -34.59 31.61
CA CYS C 196 -19.04 -34.46 32.65
C CYS C 196 -17.59 -34.63 32.18
N GLY C 197 -17.38 -35.09 30.95
CA GLY C 197 -16.04 -35.42 30.46
C GLY C 197 -15.41 -36.44 31.39
N SER C 198 -14.15 -36.19 31.75
CA SER C 198 -13.42 -37.06 32.67
C SER C 198 -13.76 -36.80 34.15
N GLY C 199 -14.63 -35.81 34.42
CA GLY C 199 -15.29 -35.71 35.73
C GLY C 199 -14.67 -34.77 36.74
N ARG C 200 -13.94 -33.74 36.28
CA ARG C 200 -13.30 -32.78 37.19
C ARG C 200 -14.32 -32.12 38.13
N ALA C 201 -15.42 -31.64 37.56
CA ALA C 201 -16.47 -30.99 38.36
C ALA C 201 -17.02 -31.95 39.41
N VAL C 202 -17.38 -33.16 38.98
CA VAL C 202 -17.91 -34.17 39.91
C VAL C 202 -16.91 -34.49 41.03
N LYS C 203 -15.64 -34.68 40.68
CA LYS C 203 -14.59 -34.96 41.68
C LYS C 203 -14.54 -33.86 42.72
N LEU C 204 -14.46 -32.60 42.27
CA LEU C 204 -14.41 -31.47 43.20
C LEU C 204 -15.63 -31.38 44.11
N MET C 205 -16.83 -31.58 43.56
CA MET C 205 -18.07 -31.46 44.34
C MET C 205 -18.22 -32.62 45.34
N ALA C 206 -17.93 -33.83 44.87
CA ALA C 206 -17.88 -35.01 45.74
C ALA C 206 -16.92 -34.83 46.93
N GLN C 207 -15.75 -34.21 46.69
CA GLN C 207 -14.79 -33.90 47.76
C GLN C 207 -15.27 -32.82 48.73
N ALA C 208 -15.88 -31.76 48.19
CA ALA C 208 -16.44 -30.70 49.03
C ALA C 208 -17.68 -31.11 49.82
N PHE C 209 -18.49 -31.99 49.25
CA PHE C 209 -19.82 -32.27 49.80
C PHE C 209 -19.99 -33.77 50.02
N GLY C 210 -19.39 -34.26 51.10
CA GLY C 210 -19.41 -35.71 51.42
C GLY C 210 -20.79 -36.34 51.56
N ALA C 211 -21.76 -35.58 52.06
CA ALA C 211 -23.13 -36.07 52.23
C ALA C 211 -23.92 -36.17 50.92
N SER C 212 -23.47 -35.48 49.86
CA SER C 212 -24.21 -35.51 48.60
C SER C 212 -23.77 -36.66 47.72
N ARG C 213 -24.63 -37.04 46.80
CA ARG C 213 -24.40 -38.15 45.87
C ARG C 213 -24.32 -37.56 44.45
N PHE C 214 -23.23 -37.85 43.73
CA PHE C 214 -22.93 -37.24 42.44
C PHE C 214 -22.82 -38.27 41.34
N THR C 215 -23.51 -38.02 40.23
CA THR C 215 -23.38 -38.83 39.02
C THR C 215 -22.92 -37.95 37.85
N GLY C 216 -21.76 -38.29 37.29
CA GLY C 216 -21.31 -37.72 36.03
C GLY C 216 -21.89 -38.49 34.85
N ILE C 217 -22.48 -37.77 33.90
CA ILE C 217 -23.01 -38.39 32.69
C ILE C 217 -22.27 -37.86 31.47
N ASP C 218 -21.85 -38.78 30.60
CA ASP C 218 -21.13 -38.42 29.36
C ASP C 218 -21.37 -39.46 28.26
N PHE C 219 -21.36 -39.00 27.01
CA PHE C 219 -21.48 -39.88 25.83
C PHE C 219 -20.31 -40.86 25.65
N SER C 220 -19.12 -40.49 26.12
CA SER C 220 -17.89 -41.29 25.90
C SER C 220 -17.68 -42.38 26.96
N ASP C 221 -17.57 -43.64 26.52
CA ASP C 221 -17.16 -44.73 27.44
C ASP C 221 -15.81 -44.43 28.11
N GLU C 222 -14.85 -43.97 27.32
CA GLU C 222 -13.50 -43.66 27.83
C GLU C 222 -13.50 -42.56 28.88
N ALA C 223 -14.33 -41.55 28.68
CA ALA C 223 -14.51 -40.50 29.69
C ALA C 223 -15.06 -41.10 30.99
N VAL C 224 -16.07 -41.95 30.86
CA VAL C 224 -16.75 -42.56 32.02
C VAL C 224 -15.77 -43.44 32.82
N ALA C 225 -15.00 -44.27 32.12
CA ALA C 225 -14.02 -45.15 32.77
C ALA C 225 -12.98 -44.34 33.56
N ALA C 226 -12.48 -43.27 32.92
CA ALA C 226 -11.51 -42.37 33.56
C ALA C 226 -12.05 -41.78 34.87
N GLY C 227 -13.30 -41.33 34.86
CA GLY C 227 -13.94 -40.79 36.07
C GLY C 227 -14.06 -41.84 37.16
N THR C 228 -14.61 -43.01 36.80
CA THR C 228 -14.76 -44.14 37.70
C THR C 228 -13.41 -44.56 38.32
N GLU C 229 -12.40 -44.71 37.47
CA GLU C 229 -11.05 -45.05 37.94
C GLU C 229 -10.54 -43.97 38.90
N GLU C 230 -10.69 -42.71 38.52
CA GLU C 230 -10.22 -41.60 39.34
C GLU C 230 -10.93 -41.51 40.70
N ALA C 231 -12.23 -41.82 40.72
CA ALA C 231 -13.01 -41.82 41.97
C ALA C 231 -12.54 -42.95 42.87
N ALA C 232 -12.33 -44.13 42.28
CA ALA C 232 -11.81 -45.29 43.01
C ALA C 232 -10.49 -44.94 43.71
N ARG C 233 -9.52 -44.41 42.96
CA ARG C 233 -8.22 -44.07 43.58
C ARG C 233 -8.25 -42.90 44.57
N LEU C 234 -9.26 -42.04 44.48
CA LEU C 234 -9.44 -40.96 45.47
C LEU C 234 -10.33 -41.35 46.64
N GLY C 235 -10.89 -42.57 46.60
CA GLY C 235 -11.82 -43.04 47.61
C GLY C 235 -13.07 -42.20 47.70
N LEU C 236 -13.66 -41.90 46.55
CA LEU C 236 -14.88 -41.10 46.47
C LEU C 236 -16.04 -42.02 46.18
N ALA C 237 -16.59 -42.63 47.24
CA ALA C 237 -17.74 -43.53 47.11
C ALA C 237 -19.00 -42.79 46.68
N ASN C 238 -19.05 -41.49 46.97
CA ASN C 238 -20.18 -40.63 46.54
C ASN C 238 -20.10 -40.06 45.10
N ALA C 239 -19.17 -40.55 44.28
CA ALA C 239 -19.05 -40.11 42.88
C ALA C 239 -19.10 -41.30 41.94
N THR C 240 -20.12 -41.36 41.10
CA THR C 240 -20.27 -42.42 40.10
C THR C 240 -20.39 -41.79 38.73
N PHE C 241 -20.20 -42.60 37.68
CA PHE C 241 -20.21 -42.12 36.29
C PHE C 241 -20.98 -43.09 35.43
N GLU C 242 -21.79 -42.56 34.52
CA GLU C 242 -22.61 -43.38 33.64
C GLU C 242 -22.48 -42.87 32.22
N ARG C 243 -22.44 -43.78 31.26
CA ARG C 243 -22.44 -43.41 29.86
C ARG C 243 -23.87 -43.35 29.35
N HIS C 244 -24.25 -42.22 28.78
CA HIS C 244 -25.55 -42.08 28.13
C HIS C 244 -25.41 -41.11 26.97
N ASP C 245 -26.20 -41.32 25.92
CA ASP C 245 -26.49 -40.28 24.94
C ASP C 245 -27.42 -39.27 25.64
N LEU C 246 -26.93 -38.04 25.80
CA LEU C 246 -27.66 -36.98 26.52
C LEU C 246 -29.04 -36.72 25.92
N ALA C 247 -29.14 -36.87 24.59
CA ALA C 247 -30.42 -36.70 23.89
C ALA C 247 -31.38 -37.86 24.12
N GLU C 248 -30.91 -39.00 24.63
CA GLU C 248 -31.76 -40.19 24.79
C GLU C 248 -32.12 -40.55 26.24
N LEU C 249 -31.73 -39.72 27.22
CA LEU C 249 -31.99 -40.05 28.64
C LEU C 249 -33.47 -40.28 28.96
N ASP C 250 -33.68 -41.15 29.96
CA ASP C 250 -35.01 -41.48 30.47
C ASP C 250 -35.05 -41.52 32.00
N LYS C 251 -34.15 -40.79 32.67
CA LYS C 251 -34.26 -40.67 34.13
C LYS C 251 -35.48 -39.78 34.39
N VAL C 252 -36.33 -40.20 35.33
CA VAL C 252 -37.52 -39.43 35.72
C VAL C 252 -37.38 -39.10 37.20
N GLY C 253 -37.22 -37.82 37.51
CA GLY C 253 -37.16 -37.38 38.90
C GLY C 253 -36.10 -38.02 39.77
N ALA C 254 -34.89 -38.12 39.24
CA ALA C 254 -33.78 -38.74 39.94
C ALA C 254 -32.96 -37.75 40.75
N TYR C 255 -32.91 -36.48 40.33
CA TYR C 255 -31.92 -35.55 40.88
C TYR C 255 -32.55 -34.27 41.45
N ASP C 256 -31.98 -33.79 42.54
CA ASP C 256 -32.33 -32.50 43.13
C ASP C 256 -31.64 -31.37 42.38
N VAL C 257 -30.43 -31.65 41.87
CA VAL C 257 -29.59 -30.64 41.24
C VAL C 257 -28.95 -31.26 39.99
N ILE C 258 -29.05 -30.55 38.88
CA ILE C 258 -28.32 -30.91 37.65
C ILE C 258 -27.46 -29.73 37.24
N THR C 259 -26.18 -30.02 36.96
CA THR C 259 -25.26 -29.04 36.40
C THR C 259 -24.98 -29.38 34.93
N VAL C 260 -24.82 -28.36 34.10
CA VAL C 260 -24.29 -28.55 32.76
C VAL C 260 -23.37 -27.37 32.45
N PHE C 261 -22.10 -27.68 32.25
CA PHE C 261 -21.06 -26.69 32.11
C PHE C 261 -20.60 -26.64 30.64
N ASP C 262 -21.02 -25.59 29.95
CA ASP C 262 -20.66 -25.28 28.55
C ASP C 262 -21.15 -26.24 27.46
N ALA C 263 -21.85 -27.30 27.82
CA ALA C 263 -22.09 -28.42 26.90
C ALA C 263 -23.30 -28.26 25.99
N ILE C 264 -24.28 -27.44 26.35
CA ILE C 264 -25.56 -27.45 25.64
C ILE C 264 -25.47 -26.94 24.21
N HIS C 265 -24.76 -25.82 23.98
CA HIS C 265 -24.74 -25.24 22.65
C HIS C 265 -24.06 -26.14 21.58
N ASP C 266 -23.17 -27.03 22.00
CA ASP C 266 -22.48 -27.98 21.08
C ASP C 266 -23.35 -29.17 20.67
N GLN C 267 -24.47 -29.39 21.34
CA GLN C 267 -25.27 -30.59 21.13
C GLN C 267 -25.86 -30.68 19.72
N ALA C 268 -26.01 -31.91 19.25
CA ALA C 268 -26.80 -32.22 18.06
C ALA C 268 -28.27 -31.88 18.30
N GLN C 269 -28.74 -32.20 19.50
CA GLN C 269 -30.15 -32.12 19.82
C GLN C 269 -30.33 -31.40 21.17
N PRO C 270 -29.95 -30.11 21.23
CA PRO C 270 -30.01 -29.36 22.50
C PRO C 270 -31.41 -29.31 23.13
N ALA C 271 -32.46 -29.21 22.31
CA ALA C 271 -33.83 -29.12 22.85
C ALA C 271 -34.21 -30.41 23.55
N ARG C 272 -33.82 -31.52 22.94
CA ARG C 272 -34.08 -32.84 23.50
C ARG C 272 -33.25 -33.03 24.79
N VAL C 273 -32.01 -32.57 24.79
CA VAL C 273 -31.18 -32.66 25.99
C VAL C 273 -31.82 -31.85 27.13
N LEU C 274 -32.28 -30.64 26.83
CA LEU C 274 -32.90 -29.78 27.87
C LEU C 274 -34.17 -30.39 28.43
N GLN C 275 -34.96 -31.01 27.55
CA GLN C 275 -36.17 -31.72 27.94
C GLN C 275 -35.84 -32.90 28.84
N ASN C 276 -34.77 -33.61 28.53
CA ASN C 276 -34.33 -34.74 29.33
C ASN C 276 -33.82 -34.32 30.70
N ILE C 277 -33.16 -33.17 30.76
CA ILE C 277 -32.76 -32.57 32.03
C ILE C 277 -33.99 -32.25 32.88
N TYR C 278 -34.97 -31.58 32.28
CA TYR C 278 -36.19 -31.21 32.99
C TYR C 278 -36.87 -32.45 33.57
N ARG C 279 -37.00 -33.49 32.75
CA ARG C 279 -37.63 -34.75 33.17
C ARG C 279 -36.85 -35.45 34.30
N ALA C 280 -35.52 -35.42 34.23
CA ALA C 280 -34.65 -36.04 35.23
C ALA C 280 -34.67 -35.31 36.57
N LEU C 281 -34.98 -34.02 36.57
CA LEU C 281 -35.05 -33.25 37.81
C LEU C 281 -36.27 -33.62 38.65
N ARG C 282 -36.11 -33.67 39.96
CA ARG C 282 -37.26 -33.81 40.83
C ARG C 282 -38.06 -32.52 40.83
N PRO C 283 -39.38 -32.61 41.06
CA PRO C 283 -40.13 -31.40 41.40
C PRO C 283 -39.45 -30.69 42.55
N GLY C 284 -39.24 -29.39 42.40
CA GLY C 284 -38.48 -28.61 43.38
C GLY C 284 -36.98 -28.59 43.12
N GLY C 285 -36.52 -29.30 42.08
CA GLY C 285 -35.11 -29.35 41.73
C GLY C 285 -34.62 -28.10 41.02
N VAL C 286 -33.32 -28.02 40.80
CA VAL C 286 -32.69 -26.85 40.13
C VAL C 286 -31.65 -27.33 39.13
N LEU C 287 -31.68 -26.69 37.96
CA LEU C 287 -30.65 -26.80 36.94
C LEU C 287 -29.79 -25.56 36.97
N LEU C 288 -28.47 -25.76 37.02
CA LEU C 288 -27.47 -24.72 36.74
C LEU C 288 -26.82 -25.03 35.39
N MET C 289 -27.11 -24.21 34.39
CA MET C 289 -26.51 -24.32 33.07
C MET C 289 -25.58 -23.16 32.90
N VAL C 290 -24.31 -23.44 32.67
CA VAL C 290 -23.34 -22.39 32.36
C VAL C 290 -23.10 -22.45 30.87
N ASP C 291 -23.30 -21.33 30.19
CA ASP C 291 -23.04 -21.26 28.76
C ASP C 291 -22.62 -19.85 28.37
N ILE C 292 -22.32 -19.65 27.09
CA ILE C 292 -21.58 -18.47 26.61
C ILE C 292 -22.41 -17.20 26.67
N LYS C 293 -21.82 -16.16 27.25
CA LYS C 293 -22.44 -14.86 27.31
C LYS C 293 -22.34 -14.15 25.95
N ALA C 294 -23.50 -13.97 25.30
CA ALA C 294 -23.63 -13.18 24.09
C ALA C 294 -25.11 -12.98 23.83
N SER C 295 -25.42 -12.07 22.91
CA SER C 295 -26.80 -11.86 22.46
C SER C 295 -27.13 -12.79 21.32
N SER C 296 -28.40 -13.21 21.28
CA SER C 296 -28.93 -13.92 20.13
C SER C 296 -29.15 -13.01 18.92
N GLN C 297 -29.03 -11.70 19.10
CA GLN C 297 -29.17 -10.73 18.02
C GLN C 297 -27.80 -10.15 17.65
N LEU C 298 -27.38 -10.39 16.42
CA LEU C 298 -26.05 -10.02 15.95
C LEU C 298 -25.64 -8.59 16.28
N GLU C 299 -26.55 -7.64 16.04
CA GLU C 299 -26.23 -6.23 16.23
C GLU C 299 -25.75 -5.89 17.65
N ASP C 300 -26.26 -6.62 18.64
CA ASP C 300 -25.84 -6.44 20.04
C ASP C 300 -24.38 -6.87 20.31
N ASN C 301 -23.84 -7.77 19.51
CA ASN C 301 -22.49 -8.30 19.71
C ASN C 301 -21.38 -7.48 19.04
N VAL C 302 -21.77 -6.59 18.12
CA VAL C 302 -20.81 -5.74 17.44
C VAL C 302 -20.21 -4.78 18.47
N GLY C 303 -18.90 -4.77 18.56
CA GLY C 303 -18.19 -3.88 19.48
C GLY C 303 -17.91 -4.48 20.84
N VAL C 304 -18.42 -5.70 21.11
CA VAL C 304 -18.13 -6.38 22.35
C VAL C 304 -16.86 -7.21 22.10
N PRO C 305 -15.82 -7.02 22.95
CA PRO C 305 -14.61 -7.82 22.82
C PRO C 305 -14.90 -9.33 22.85
N LEU C 306 -14.17 -10.06 22.01
CA LEU C 306 -14.28 -11.52 21.82
C LEU C 306 -15.42 -11.98 20.92
N SER C 307 -16.27 -11.07 20.43
CA SER C 307 -17.39 -11.49 19.59
C SER C 307 -16.90 -12.16 18.29
N THR C 308 -15.94 -11.54 17.63
CA THR C 308 -15.42 -12.13 16.38
C THR C 308 -14.81 -13.51 16.66
N TYR C 309 -14.02 -13.59 17.72
CA TYR C 309 -13.44 -14.86 18.16
C TYR C 309 -14.51 -15.93 18.41
N LEU C 310 -15.61 -15.55 19.06
CA LEU C 310 -16.71 -16.48 19.31
C LEU C 310 -17.45 -16.94 18.06
N TYR C 311 -17.73 -16.03 17.12
CA TYR C 311 -18.31 -16.43 15.84
C TYR C 311 -17.38 -17.34 15.02
N THR C 312 -16.08 -17.07 15.09
CA THR C 312 -15.06 -17.87 14.38
C THR C 312 -14.96 -19.28 14.99
N THR C 313 -14.85 -19.35 16.33
CA THR C 313 -14.87 -20.63 17.06
C THR C 313 -16.13 -21.43 16.76
N SER C 314 -17.27 -20.73 16.67
CA SER C 314 -18.53 -21.37 16.35
C SER C 314 -18.49 -21.96 14.93
N LEU C 315 -18.17 -21.11 13.96
CA LEU C 315 -18.10 -21.54 12.56
C LEU C 315 -17.21 -22.77 12.35
N MET C 316 -16.05 -22.74 12.98
CA MET C 316 -15.00 -23.69 12.71
C MET C 316 -14.94 -24.84 13.71
N HIS C 317 -15.78 -24.81 14.75
CA HIS C 317 -15.85 -25.91 15.69
C HIS C 317 -17.26 -26.17 16.22
N CSD C 318 -17.77 -25.31 17.10
CA CSD C 318 -18.99 -25.64 17.86
CB CSD C 318 -19.26 -24.56 18.93
SG CSD C 318 -18.09 -24.62 20.14
C CSD C 318 -20.22 -25.83 17.00
O CSD C 318 -21.01 -26.71 17.28
OD1 CSD C 318 -16.86 -24.07 19.65
OD2 CSD C 318 -18.58 -23.94 21.30
N MET C 319 -20.41 -25.01 15.98
CA MET C 319 -21.54 -25.17 15.06
C MET C 319 -21.35 -26.42 14.18
N THR C 320 -20.17 -26.52 13.57
CA THR C 320 -19.91 -27.55 12.55
C THR C 320 -19.97 -28.98 13.12
N VAL C 321 -19.46 -29.19 14.34
CA VAL C 321 -19.55 -30.50 15.02
C VAL C 321 -21.01 -30.96 15.22
N SER C 322 -21.89 -30.02 15.55
CA SER C 322 -23.31 -30.32 15.66
C SER C 322 -23.89 -30.63 14.29
N LEU C 323 -23.55 -29.81 13.31
CA LEU C 323 -24.03 -30.01 11.94
C LEU C 323 -23.55 -31.32 11.32
N ALA C 324 -22.38 -31.80 11.75
CA ALA C 324 -21.85 -33.11 11.32
C ALA C 324 -22.79 -34.27 11.66
N LEU C 325 -23.63 -34.10 12.68
CA LEU C 325 -24.61 -35.12 13.07
C LEU C 325 -26.04 -34.74 12.68
N ASP C 326 -26.19 -33.94 11.63
CA ASP C 326 -27.51 -33.40 11.23
C ASP C 326 -28.19 -32.72 12.41
N GLY C 327 -27.40 -31.99 13.19
CA GLY C 327 -27.85 -31.40 14.43
C GLY C 327 -28.33 -29.97 14.29
N ALA C 328 -28.65 -29.40 15.44
CA ALA C 328 -29.25 -28.08 15.53
C ALA C 328 -28.32 -26.97 15.05
N GLY C 329 -27.03 -27.13 15.31
CA GLY C 329 -26.02 -26.15 14.91
C GLY C 329 -26.28 -24.76 15.47
N LEU C 330 -26.64 -24.69 16.75
CA LEU C 330 -26.96 -23.39 17.35
C LEU C 330 -25.73 -22.50 17.44
N GLY C 331 -24.58 -23.14 17.65
CA GLY C 331 -23.30 -22.45 17.69
C GLY C 331 -23.00 -21.78 19.03
N THR C 332 -21.75 -21.34 19.16
CA THR C 332 -21.22 -20.73 20.36
C THR C 332 -21.99 -19.46 20.75
N VAL C 333 -22.50 -18.72 19.77
CA VAL C 333 -23.16 -17.43 19.98
C VAL C 333 -24.69 -17.60 19.96
N TRP C 334 -25.19 -18.77 20.33
CA TRP C 334 -26.65 -18.99 20.41
C TRP C 334 -27.36 -17.89 21.19
N GLY C 335 -26.75 -17.44 22.29
CA GLY C 335 -27.13 -16.19 22.94
C GLY C 335 -28.13 -16.35 24.08
N ARG C 336 -28.15 -15.35 24.94
CA ARG C 336 -29.02 -15.37 26.14
C ARG C 336 -30.49 -15.56 25.82
N GLN C 337 -31.00 -14.85 24.81
CA GLN C 337 -32.44 -14.81 24.55
C GLN C 337 -32.91 -16.18 24.07
N LEU C 338 -32.15 -16.80 23.16
CA LEU C 338 -32.48 -18.14 22.69
C LEU C 338 -32.31 -19.19 23.79
N ALA C 339 -31.25 -19.10 24.58
CA ALA C 339 -31.04 -20.02 25.70
C ALA C 339 -32.23 -19.97 26.68
N THR C 340 -32.67 -18.75 27.00
CA THR C 340 -33.76 -18.53 27.92
C THR C 340 -35.07 -19.11 27.37
N SER C 341 -35.36 -18.89 26.09
CA SER C 341 -36.62 -19.40 25.53
C SER C 341 -36.58 -20.93 25.36
N MET C 342 -35.40 -21.47 25.05
CA MET C 342 -35.22 -22.92 25.02
C MET C 342 -35.43 -23.59 26.39
N LEU C 343 -34.99 -22.94 27.46
CA LEU C 343 -35.31 -23.41 28.82
C LEU C 343 -36.82 -23.46 29.06
N ALA C 344 -37.51 -22.38 28.64
CA ALA C 344 -38.98 -22.37 28.66
C ALA C 344 -39.61 -23.52 27.88
N ASP C 345 -39.13 -23.76 26.66
CA ASP C 345 -39.63 -24.87 25.83
C ASP C 345 -39.46 -26.23 26.51
N ALA C 346 -38.39 -26.39 27.29
CA ALA C 346 -38.10 -27.61 28.00
C ALA C 346 -38.96 -27.84 29.23
N GLY C 347 -39.70 -26.82 29.68
CA GLY C 347 -40.60 -26.95 30.83
C GLY C 347 -40.34 -26.00 31.98
N PHE C 348 -39.22 -25.28 31.98
CA PHE C 348 -38.89 -24.38 33.06
C PHE C 348 -39.73 -23.11 32.95
N THR C 349 -40.46 -22.78 34.02
CA THR C 349 -41.21 -21.52 34.09
C THR C 349 -40.52 -20.54 35.04
N ASP C 350 -39.36 -20.92 35.59
CA ASP C 350 -38.65 -20.11 36.58
C ASP C 350 -37.19 -20.11 36.18
N VAL C 351 -36.75 -19.05 35.50
CA VAL C 351 -35.39 -18.95 34.99
C VAL C 351 -34.80 -17.60 35.37
N THR C 352 -33.60 -17.61 35.94
CA THR C 352 -32.84 -16.40 36.20
C THR C 352 -31.48 -16.52 35.54
N VAL C 353 -30.91 -15.38 35.18
CA VAL C 353 -29.59 -15.35 34.58
C VAL C 353 -28.74 -14.57 35.52
N ALA C 354 -27.69 -15.21 36.02
CA ALA C 354 -26.71 -14.56 36.87
C ALA C 354 -25.43 -14.35 36.09
N GLU C 355 -24.71 -13.32 36.50
CA GLU C 355 -23.39 -13.00 35.96
C GLU C 355 -22.43 -12.79 37.12
N ILE C 356 -21.14 -12.96 36.84
CA ILE C 356 -20.06 -12.66 37.77
C ILE C 356 -19.22 -11.57 37.10
N GLU C 357 -18.94 -10.48 37.82
CA GLU C 357 -18.24 -9.30 37.28
C GLU C 357 -16.95 -9.64 36.53
N SER C 358 -16.16 -10.53 37.11
CA SER C 358 -14.86 -10.90 36.54
C SER C 358 -14.95 -11.86 35.35
N ASP C 359 -16.13 -12.43 35.07
CA ASP C 359 -16.31 -13.42 34.01
C ASP C 359 -17.13 -12.79 32.89
N VAL C 360 -16.46 -12.46 31.79
CA VAL C 360 -17.12 -11.84 30.64
C VAL C 360 -17.58 -12.89 29.62
N LEU C 361 -17.15 -14.13 29.84
CA LEU C 361 -17.35 -15.22 28.90
C LEU C 361 -18.65 -16.01 29.09
N ASN C 362 -19.12 -16.16 30.34
CA ASN C 362 -20.23 -17.09 30.63
C ASN C 362 -21.43 -16.42 31.29
N ASN C 363 -22.61 -16.91 30.95
CA ASN C 363 -23.83 -16.68 31.73
C ASN C 363 -24.11 -17.91 32.58
N TYR C 364 -24.73 -17.68 33.73
CA TYR C 364 -25.09 -18.70 34.69
C TYR C 364 -26.62 -18.74 34.76
N TYR C 365 -27.22 -19.74 34.11
CA TYR C 365 -28.66 -19.86 33.98
C TYR C 365 -29.14 -20.77 35.10
N ILE C 366 -30.06 -20.28 35.91
CA ILE C 366 -30.55 -21.00 37.06
C ILE C 366 -32.01 -21.24 36.79
N ALA C 367 -32.37 -22.51 36.55
CA ALA C 367 -33.72 -22.88 36.14
C ALA C 367 -34.32 -23.80 37.19
N ARG C 368 -35.38 -23.35 37.86
CA ARG C 368 -36.00 -24.11 38.95
C ARG C 368 -37.27 -24.83 38.46
N LYS C 369 -37.44 -26.06 38.89
CA LYS C 369 -38.63 -26.87 38.56
C LYS C 369 -39.66 -26.73 39.68
N LEU C 370 -40.92 -26.52 39.31
CA LEU C 370 -42.06 -26.38 40.26
C LEU C 370 -42.13 -27.60 41.21
N GLU C 371 -42.56 -27.39 42.45
CA GLU C 371 -42.71 -28.51 43.41
C GLU C 371 -43.94 -29.40 43.18
N HIS C 372 -44.91 -28.98 42.37
CA HIS C 372 -46.13 -29.77 42.14
C HIS C 372 -45.80 -31.21 41.75
N HIS C 373 -46.42 -32.18 42.43
CA HIS C 373 -46.40 -33.59 41.99
C HIS C 373 -47.54 -33.92 41.05
N HIS C 374 -47.36 -34.95 40.23
CA HIS C 374 -48.43 -35.44 39.32
C HIS C 374 -49.76 -35.71 40.04
C1 GOL D . -35.62 -13.11 33.70
O1 GOL D . -35.44 -13.66 35.01
C2 GOL D . -35.40 -14.19 32.64
O2 GOL D . -35.98 -13.72 31.42
C3 GOL D . -33.92 -14.50 32.47
O3 GOL D . -33.14 -13.34 32.09
C1 GOL E . -38.28 -12.87 43.28
O1 GOL E . -37.65 -12.07 42.27
C2 GOL E . -37.41 -14.02 43.77
O2 GOL E . -36.81 -14.69 42.66
C3 GOL E . -38.24 -15.01 44.60
O3 GOL E . -38.30 -16.33 44.02
C1 GOL F . -25.59 -11.07 27.18
O1 GOL F . -26.16 -11.95 28.19
C2 GOL F . -26.70 -10.22 26.54
O2 GOL F . -27.43 -9.57 27.59
C3 GOL F . -26.13 -9.18 25.60
O3 GOL F . -27.23 -8.57 24.87
C1 GOL G . -17.86 -23.20 34.98
O1 GOL G . -16.95 -22.42 35.72
C2 GOL G . -17.39 -23.27 33.55
O2 GOL G . -18.31 -24.01 32.75
C3 GOL G . -16.04 -23.96 33.57
O3 GOL G . -15.79 -24.44 32.27
#